data_9MQK
#
_entry.id   9MQK
#
_cell.length_a   1.00
_cell.length_b   1.00
_cell.length_c   1.00
_cell.angle_alpha   90.00
_cell.angle_beta   90.00
_cell.angle_gamma   90.00
#
_symmetry.space_group_name_H-M   'P 1'
#
loop_
_entity.id
_entity.type
_entity.pdbx_description
1 polymer 'Kappa-Opioid Receptor'
2 polymer 'Nanobody 6M'
3 polymer 'NabFab Heavy Chain'
4 polymer 'NabFab Light Chain'
5 non-polymer 'methyl (1S,3R,4S,6S,8M)-2-[(1-ethyl-1H-pyrazol-4-yl)methyl]-8-(3-hydroxyphenyl)-3,4-dimethyl-2-azabicyclo[2.2.2]oct-7-ene-6-carboxylate'
#
loop_
_entity_poly.entity_id
_entity_poly.type
_entity_poly.pdbx_seq_one_letter_code
_entity_poly.pdbx_strand_id
1 'polypeptide(L)'
;DYKDDDDAMESPIQIFRGDPGPTCSPSACLLPNSSSWFPNWAESDSNGSVGSEDQQLESAHISPAIPVIITAVYSVVFVV
GLVGNSLVMFVIIRYTKMKTATNIYIFNLALADALVTTTMPFQSAVYLMNSWPFGDVLCKIVISIDYYNMFTSIFTLTMM
SVDRYIAVCHPVKALDFRTPLKAKIINICIWLLASSVGISAIVLGGTKVREDVDVIECSLQFPDDEYSWWDLFMKICVFV
FAFVIPVLIIIVCYTLMILRLKSVRLLSGSREKDRNLRRITKLVLVVVAVFIICWTPIHIFILVEALGSTSHSTAALSSY
YFCIALGYTNSSLNPVLYAFLDENFKRCFRDFCFPIKMRMERQSTNRVRNTVQDPASMRDVGGMNKPV
;
A,B
2 'polypeptide(L)'
;QRQLVESGGGLVQPGGSLRLSCAASGTIFRLYDMGWFRQAPGKEREGVASITSGGSTKYADSVKGRFTISRDNAKNTVYL
QMNSLEPEDTAVYYCNAEYRTGIWEELLDGWGKGTPVTVSSHHHHHHEPEA
;
E
3 'polypeptide(L)'
;EISEVQLVESGGGLVQPGGSLRLSCAASGFNFSYYSIHWVRQAPGKGLEWVAYISSSSSYTSYADSVKGRFTISADTSKN
TAYLQMNSLRAEDTAVYYCARGYQYWQYHASWYWNGGLDYWGQGTLVTVSSASTKGPSVFPLAPSSKSTSGGTAALGCLV
KDYFPEPVTVSWNSGALTSGVHTFPAVLQSSGLYSLSSVVTVPSSSLGTQTYICNVNHKPSNTKVDKKVEPKSCDKTHT
;
H
4 'polypeptide(L)'
;SDIQMTQSPSSLSASVGDRVTITCRASQSVSSAVAWYQQKPGKAPKLLIYSASSLYSGVPSRFSGSRSGTDFTLTISSLQ
PEDFATYYCQQSSSSLITFGQGTKVEIKRTVAAPSVFIFPPSDSQLKSGTASVVCLLNNFYPREAKVQWKVDNALQSGNS
QESVTEQDSKDSTYSLSSTLTLSKADYEKHKVYACEVTHQGLSSPVTKSFNRGEC
;
L
#
loop_
_chem_comp.id
_chem_comp.type
_chem_comp.name
_chem_comp.formula
A1BNM non-polymer 'methyl (1S,3R,4S,6S,8M)-2-[(1-ethyl-1H-pyrazol-4-yl)methyl]-8-(3-hydroxyphenyl)-3,4-dimethyl-2-azabicyclo[2.2.2]oct-7-ene-6-carboxylate' 'C23 H29 N3 O3'
#
# COMPACT_ATOMS: atom_id res chain seq x y z
N ALA A 65 -21.19 -8.89 -30.00
CA ALA A 65 -21.72 -9.03 -28.64
C ALA A 65 -21.11 -10.25 -27.95
N ILE A 66 -20.05 -10.00 -27.17
CA ILE A 66 -19.38 -11.06 -26.41
C ILE A 66 -19.74 -10.89 -24.94
N PRO A 67 -20.46 -11.84 -24.34
CA PRO A 67 -20.99 -11.62 -22.99
C PRO A 67 -19.98 -11.83 -21.87
N VAL A 68 -18.83 -12.47 -22.13
CA VAL A 68 -17.93 -12.82 -21.04
C VAL A 68 -17.15 -11.63 -20.50
N ILE A 69 -17.20 -10.48 -21.16
CA ILE A 69 -16.42 -9.33 -20.70
C ILE A 69 -17.00 -8.78 -19.41
N ILE A 70 -18.26 -8.32 -19.47
CA ILE A 70 -18.89 -7.77 -18.28
C ILE A 70 -19.13 -8.86 -17.23
N THR A 71 -19.36 -10.10 -17.66
CA THR A 71 -19.48 -11.19 -16.70
C THR A 71 -18.17 -11.44 -15.96
N ALA A 72 -17.04 -11.39 -16.67
CA ALA A 72 -15.75 -11.52 -16.01
C ALA A 72 -15.49 -10.35 -15.08
N VAL A 73 -15.88 -9.15 -15.48
CA VAL A 73 -15.77 -7.99 -14.59
C VAL A 73 -16.58 -8.22 -13.32
N TYR A 74 -17.81 -8.71 -13.48
CA TYR A 74 -18.68 -8.95 -12.34
C TYR A 74 -18.09 -10.02 -11.42
N SER A 75 -17.51 -11.07 -11.98
CA SER A 75 -16.92 -12.12 -11.17
C SER A 75 -15.68 -11.63 -10.42
N VAL A 76 -14.84 -10.86 -11.10
CA VAL A 76 -13.66 -10.28 -10.45
C VAL A 76 -14.09 -9.39 -9.31
N VAL A 77 -15.13 -8.57 -9.51
CA VAL A 77 -15.67 -7.79 -8.41
C VAL A 77 -16.15 -8.70 -7.29
N PHE A 78 -16.97 -9.68 -7.65
CA PHE A 78 -17.63 -10.57 -6.68
C PHE A 78 -16.63 -11.22 -5.74
N VAL A 79 -15.44 -11.54 -6.24
CA VAL A 79 -14.45 -12.15 -5.36
C VAL A 79 -13.52 -11.11 -4.74
N VAL A 80 -12.82 -10.34 -5.57
CA VAL A 80 -11.74 -9.50 -5.08
C VAL A 80 -12.29 -8.37 -4.20
N GLY A 81 -13.37 -7.72 -4.60
CA GLY A 81 -13.91 -6.65 -3.79
C GLY A 81 -14.39 -7.13 -2.43
N LEU A 82 -15.03 -8.30 -2.40
CA LEU A 82 -15.46 -8.88 -1.14
C LEU A 82 -14.25 -9.17 -0.26
N VAL A 83 -13.20 -9.77 -0.82
CA VAL A 83 -12.03 -10.10 -0.03
C VAL A 83 -11.38 -8.85 0.53
N GLY A 84 -11.19 -7.83 -0.31
CA GLY A 84 -10.53 -6.61 0.14
C GLY A 84 -11.33 -5.85 1.18
N ASN A 85 -12.64 -5.70 0.96
CA ASN A 85 -13.44 -4.99 1.94
C ASN A 85 -13.55 -5.75 3.25
N SER A 86 -13.61 -7.09 3.19
CA SER A 86 -13.60 -7.87 4.41
C SER A 86 -12.29 -7.69 5.17
N LEU A 87 -11.17 -7.66 4.45
CA LEU A 87 -9.89 -7.40 5.09
C LEU A 87 -9.87 -6.04 5.75
N VAL A 88 -10.39 -5.02 5.06
CA VAL A 88 -10.40 -3.67 5.62
C VAL A 88 -11.22 -3.63 6.91
N MET A 89 -12.42 -4.23 6.88
CA MET A 89 -13.27 -4.23 8.07
C MET A 89 -12.63 -4.99 9.21
N PHE A 90 -12.01 -6.14 8.92
CA PHE A 90 -11.35 -6.91 9.96
C PHE A 90 -10.20 -6.13 10.58
N VAL A 91 -9.40 -5.47 9.74
CA VAL A 91 -8.27 -4.69 10.25
C VAL A 91 -8.76 -3.56 11.14
N ILE A 92 -9.83 -2.87 10.72
CA ILE A 92 -10.35 -1.78 11.52
C ILE A 92 -10.89 -2.28 12.85
N ILE A 93 -11.60 -3.42 12.84
CA ILE A 93 -12.21 -3.92 14.07
C ILE A 93 -11.14 -4.44 15.03
N ARG A 94 -10.13 -5.13 14.51
CA ARG A 94 -9.16 -5.81 15.37
C ARG A 94 -8.19 -4.84 16.03
N TYR A 95 -7.46 -4.08 15.23
CA TYR A 95 -6.39 -3.24 15.76
C TYR A 95 -6.96 -2.01 16.44
N THR A 96 -6.52 -1.76 17.67
CA THR A 96 -6.86 -0.53 18.38
C THR A 96 -6.16 0.68 17.77
N LYS A 97 -5.05 0.47 17.06
CA LYS A 97 -4.38 1.57 16.38
C LYS A 97 -5.25 2.18 15.30
N MET A 98 -6.04 1.36 14.62
CA MET A 98 -6.83 1.78 13.47
C MET A 98 -8.25 2.17 13.83
N LYS A 99 -8.52 2.51 15.10
CA LYS A 99 -9.86 2.90 15.52
C LYS A 99 -9.92 4.42 15.62
N THR A 100 -10.01 5.06 14.46
CA THR A 100 -10.17 6.50 14.35
C THR A 100 -11.46 6.81 13.59
N ALA A 101 -11.87 8.08 13.64
CA ALA A 101 -13.16 8.46 13.06
C ALA A 101 -13.18 8.23 11.55
N THR A 102 -12.15 8.71 10.85
CA THR A 102 -12.09 8.47 9.41
C THR A 102 -12.01 6.98 9.11
N ASN A 103 -11.34 6.21 9.97
CA ASN A 103 -11.33 4.77 9.79
C ASN A 103 -12.70 4.15 10.03
N ILE A 104 -13.49 4.72 10.94
CA ILE A 104 -14.85 4.23 11.15
C ILE A 104 -15.71 4.48 9.91
N TYR A 105 -15.59 5.67 9.32
CA TYR A 105 -16.31 5.95 8.08
C TYR A 105 -15.86 5.04 6.95
N ILE A 106 -14.55 4.77 6.89
CA ILE A 106 -14.03 3.83 5.90
C ILE A 106 -14.59 2.43 6.13
N PHE A 107 -14.77 2.05 7.40
CA PHE A 107 -15.41 0.79 7.72
C PHE A 107 -16.82 0.74 7.18
N ASN A 108 -17.58 1.83 7.33
CA ASN A 108 -18.94 1.85 6.80
C ASN A 108 -18.94 1.73 5.27
N LEU A 109 -18.01 2.44 4.62
CA LEU A 109 -17.88 2.36 3.17
C LEU A 109 -17.58 0.93 2.72
N ALA A 110 -16.64 0.27 3.42
CA ALA A 110 -16.29 -1.10 3.09
C ALA A 110 -17.44 -2.05 3.34
N LEU A 111 -18.22 -1.81 4.40
CA LEU A 111 -19.38 -2.65 4.68
C LEU A 111 -20.40 -2.56 3.56
N ALA A 112 -20.71 -1.34 3.12
CA ALA A 112 -21.65 -1.18 2.01
C ALA A 112 -21.13 -1.83 0.74
N ASP A 113 -19.84 -1.64 0.43
CA ASP A 113 -19.27 -2.22 -0.78
C ASP A 113 -19.27 -3.74 -0.72
N ALA A 114 -18.96 -4.32 0.44
CA ALA A 114 -18.96 -5.76 0.57
C ALA A 114 -20.37 -6.33 0.48
N LEU A 115 -21.36 -5.62 0.99
CA LEU A 115 -22.74 -6.04 0.82
C LEU A 115 -23.15 -6.03 -0.64
N VAL A 116 -22.74 -4.99 -1.38
CA VAL A 116 -23.18 -4.90 -2.77
C VAL A 116 -22.47 -5.90 -3.67
N THR A 117 -21.31 -6.41 -3.26
CA THR A 117 -20.61 -7.40 -4.07
C THR A 117 -21.13 -8.81 -3.86
N THR A 118 -21.94 -9.04 -2.83
CA THR A 118 -22.55 -10.35 -2.64
C THR A 118 -23.58 -10.64 -3.70
N THR A 119 -24.31 -9.62 -4.14
CA THR A 119 -25.37 -9.77 -5.14
C THR A 119 -24.84 -9.74 -6.56
N MET A 120 -23.53 -9.82 -6.76
CA MET A 120 -22.97 -9.78 -8.11
C MET A 120 -23.41 -10.96 -8.98
N PRO A 121 -23.39 -12.22 -8.51
CA PRO A 121 -23.89 -13.31 -9.37
C PRO A 121 -25.35 -13.13 -9.75
N PHE A 122 -26.15 -12.44 -8.94
CA PHE A 122 -27.53 -12.16 -9.29
C PHE A 122 -27.64 -11.05 -10.32
N GLN A 123 -26.73 -10.07 -10.29
CA GLN A 123 -26.71 -9.05 -11.32
C GLN A 123 -26.34 -9.63 -12.68
N SER A 124 -25.33 -10.51 -12.71
CA SER A 124 -24.85 -11.04 -13.98
C SER A 124 -25.81 -12.03 -14.61
N ALA A 125 -26.86 -12.46 -13.91
CA ALA A 125 -27.88 -13.28 -14.54
C ALA A 125 -28.69 -12.49 -15.55
N VAL A 126 -28.69 -11.18 -15.44
CA VAL A 126 -29.15 -10.31 -16.51
C VAL A 126 -27.92 -9.98 -17.35
N TYR A 127 -28.13 -9.64 -18.62
CA TYR A 127 -27.07 -9.40 -19.60
C TYR A 127 -26.44 -10.72 -20.03
N LEU A 128 -26.77 -11.82 -19.36
CA LEU A 128 -26.38 -13.13 -19.84
C LEU A 128 -27.56 -13.82 -20.53
N MET A 129 -28.72 -13.79 -19.90
CA MET A 129 -29.94 -14.32 -20.48
C MET A 129 -31.09 -13.32 -20.44
N ASN A 130 -30.91 -12.17 -19.79
CA ASN A 130 -31.88 -11.08 -19.79
C ASN A 130 -33.24 -11.52 -19.23
N SER A 131 -33.21 -11.99 -17.98
CA SER A 131 -34.42 -12.37 -17.26
C SER A 131 -34.05 -12.57 -15.81
N TRP A 132 -35.07 -12.69 -14.96
CA TRP A 132 -34.88 -12.84 -13.52
C TRP A 132 -35.43 -14.19 -13.05
N PRO A 133 -34.57 -15.19 -12.84
CA PRO A 133 -35.03 -16.49 -12.34
C PRO A 133 -34.97 -16.68 -10.83
N PHE A 134 -34.77 -15.61 -10.04
CA PHE A 134 -34.53 -15.77 -8.62
C PHE A 134 -35.76 -15.51 -7.75
N GLY A 135 -36.80 -14.90 -8.29
CA GLY A 135 -38.04 -14.76 -7.55
C GLY A 135 -38.20 -13.39 -6.90
N ASP A 136 -39.37 -13.22 -6.28
CA ASP A 136 -39.78 -11.91 -5.79
C ASP A 136 -38.97 -11.48 -4.57
N VAL A 137 -38.75 -12.40 -3.63
CA VAL A 137 -38.03 -12.05 -2.41
C VAL A 137 -36.58 -11.68 -2.73
N LEU A 138 -35.94 -12.45 -3.60
CA LEU A 138 -34.56 -12.14 -3.98
C LEU A 138 -34.50 -10.85 -4.79
N CYS A 139 -35.51 -10.60 -5.63
CA CYS A 139 -35.55 -9.33 -6.34
C CYS A 139 -35.66 -8.15 -5.36
N LYS A 140 -36.51 -8.29 -4.35
CA LYS A 140 -36.65 -7.25 -3.33
C LYS A 140 -35.34 -7.01 -2.61
N ILE A 141 -34.68 -8.09 -2.18
CA ILE A 141 -33.43 -7.98 -1.44
C ILE A 141 -32.35 -7.32 -2.31
N VAL A 142 -32.27 -7.71 -3.57
CA VAL A 142 -31.24 -7.16 -4.46
C VAL A 142 -31.49 -5.67 -4.71
N ILE A 143 -32.73 -5.27 -4.98
CA ILE A 143 -33.02 -3.86 -5.19
C ILE A 143 -32.72 -3.05 -3.93
N SER A 144 -33.11 -3.58 -2.77
CA SER A 144 -32.85 -2.89 -1.52
C SER A 144 -31.35 -2.73 -1.29
N ILE A 145 -30.56 -3.77 -1.57
CA ILE A 145 -29.12 -3.68 -1.37
C ILE A 145 -28.51 -2.67 -2.33
N ASP A 146 -28.99 -2.63 -3.58
CA ASP A 146 -28.46 -1.67 -4.55
C ASP A 146 -28.72 -0.24 -4.08
N TYR A 147 -29.95 0.05 -3.65
CA TYR A 147 -30.26 1.41 -3.22
C TYR A 147 -29.53 1.76 -1.93
N TYR A 148 -29.42 0.80 -1.01
CA TYR A 148 -28.67 1.02 0.22
C TYR A 148 -27.23 1.39 -0.10
N ASN A 149 -26.58 0.63 -0.99
CA ASN A 149 -25.21 0.93 -1.35
C ASN A 149 -25.10 2.30 -1.97
N MET A 150 -25.99 2.63 -2.93
CA MET A 150 -25.88 3.90 -3.63
C MET A 150 -26.00 5.07 -2.67
N PHE A 151 -26.97 5.03 -1.76
CA PHE A 151 -27.15 6.15 -0.84
C PHE A 151 -26.08 6.19 0.25
N THR A 152 -25.76 5.03 0.83
CA THR A 152 -24.82 4.98 1.94
C THR A 152 -23.42 5.39 1.51
N SER A 153 -22.97 4.98 0.32
CA SER A 153 -21.64 5.35 -0.12
C SER A 153 -21.48 6.86 -0.21
N ILE A 154 -22.44 7.53 -0.85
CA ILE A 154 -22.31 8.97 -1.06
C ILE A 154 -22.49 9.71 0.27
N PHE A 155 -23.39 9.24 1.14
CA PHE A 155 -23.56 9.92 2.42
C PHE A 155 -22.32 9.75 3.30
N THR A 156 -21.72 8.56 3.29
CA THR A 156 -20.49 8.35 4.05
C THR A 156 -19.35 9.19 3.51
N LEU A 157 -19.26 9.34 2.19
CA LEU A 157 -18.23 10.20 1.62
C LEU A 157 -18.45 11.66 2.00
N THR A 158 -19.72 12.11 2.00
CA THR A 158 -20.01 13.47 2.43
C THR A 158 -19.60 13.68 3.89
N MET A 159 -19.90 12.71 4.76
CA MET A 159 -19.51 12.84 6.15
C MET A 159 -18.00 12.76 6.34
N MET A 160 -17.31 11.97 5.52
CA MET A 160 -15.85 11.97 5.55
C MET A 160 -15.29 13.34 5.17
N SER A 161 -15.85 13.95 4.13
CA SER A 161 -15.39 15.28 3.73
C SER A 161 -15.65 16.31 4.81
N VAL A 162 -16.82 16.24 5.45
CA VAL A 162 -17.13 17.17 6.53
C VAL A 162 -16.20 16.95 7.73
N ASP A 163 -15.91 15.69 8.05
CA ASP A 163 -14.98 15.39 9.14
C ASP A 163 -13.59 15.93 8.86
N ARG A 164 -13.11 15.76 7.62
CA ARG A 164 -11.82 16.30 7.27
C ARG A 164 -11.82 17.82 7.30
N TYR A 165 -12.91 18.44 6.87
CA TYR A 165 -13.01 19.89 6.94
C TYR A 165 -12.95 20.38 8.38
N ILE A 166 -13.64 19.70 9.28
CA ILE A 166 -13.58 20.07 10.69
C ILE A 166 -12.16 19.88 11.24
N ALA A 167 -11.53 18.76 10.89
CA ALA A 167 -10.18 18.49 11.39
C ALA A 167 -9.16 19.48 10.85
N VAL A 168 -9.39 20.04 9.68
CA VAL A 168 -8.41 20.94 9.07
C VAL A 168 -8.67 22.40 9.43
N CYS A 169 -9.89 22.88 9.22
CA CYS A 169 -10.20 24.30 9.39
C CYS A 169 -10.65 24.67 10.79
N HIS A 170 -11.09 23.71 11.59
CA HIS A 170 -11.52 23.97 12.97
C HIS A 170 -10.88 22.95 13.90
N PRO A 171 -9.55 23.03 14.10
CA PRO A 171 -8.89 22.05 14.97
C PRO A 171 -9.32 22.12 16.42
N VAL A 172 -9.91 23.23 16.86
CA VAL A 172 -10.33 23.34 18.26
C VAL A 172 -11.52 22.44 18.54
N LYS A 173 -12.48 22.37 17.62
CA LYS A 173 -13.65 21.51 17.79
C LYS A 173 -13.40 20.08 17.38
N ALA A 174 -12.27 19.80 16.72
CA ALA A 174 -11.98 18.44 16.26
C ALA A 174 -11.81 17.48 17.43
N LEU A 175 -11.20 17.95 18.53
CA LEU A 175 -11.02 17.08 19.69
C LEU A 175 -12.36 16.63 20.25
N ASP A 176 -13.34 17.53 20.31
CA ASP A 176 -14.65 17.18 20.84
C ASP A 176 -15.45 16.33 19.87
N PHE A 177 -15.44 16.69 18.58
CA PHE A 177 -16.37 16.07 17.64
C PHE A 177 -15.85 14.80 16.99
N ARG A 178 -14.53 14.64 16.87
CA ARG A 178 -13.96 13.55 16.07
C ARG A 178 -13.64 12.32 16.91
N THR A 179 -14.39 12.06 17.97
CA THR A 179 -14.20 10.82 18.70
C THR A 179 -14.79 9.65 17.91
N PRO A 180 -14.17 8.47 17.98
CA PRO A 180 -14.68 7.32 17.23
C PRO A 180 -16.10 6.93 17.58
N LEU A 181 -16.53 7.15 18.83
CA LEU A 181 -17.89 6.80 19.23
C LEU A 181 -18.90 7.66 18.48
N LYS A 182 -18.59 8.95 18.32
CA LYS A 182 -19.45 9.82 17.52
C LYS A 182 -19.48 9.36 16.06
N ALA A 183 -18.34 8.90 15.54
CA ALA A 183 -18.31 8.38 14.18
C ALA A 183 -19.20 7.15 14.04
N LYS A 184 -19.19 6.27 15.05
CA LYS A 184 -20.07 5.11 15.02
C LYS A 184 -21.54 5.53 15.04
N ILE A 185 -21.88 6.47 15.91
CA ILE A 185 -23.27 6.95 15.96
C ILE A 185 -23.67 7.54 14.61
N ILE A 186 -22.77 8.29 13.99
CA ILE A 186 -23.06 8.88 12.68
C ILE A 186 -23.24 7.80 11.63
N ASN A 187 -22.47 6.70 11.73
CA ASN A 187 -22.66 5.59 10.79
C ASN A 187 -24.03 4.96 10.94
N ILE A 188 -24.47 4.74 12.18
CA ILE A 188 -25.82 4.21 12.38
C ILE A 188 -26.88 5.18 11.87
N CYS A 189 -26.69 6.48 12.11
CA CYS A 189 -27.65 7.46 11.61
C CYS A 189 -27.68 7.50 10.09
N ILE A 190 -26.52 7.28 9.45
CA ILE A 190 -26.48 7.24 7.99
C ILE A 190 -27.23 6.01 7.48
N TRP A 191 -27.03 4.86 8.12
CA TRP A 191 -27.73 3.66 7.69
C TRP A 191 -29.24 3.79 7.89
N LEU A 192 -29.66 4.43 8.98
CA LEU A 192 -31.09 4.61 9.22
C LEU A 192 -31.68 5.67 8.29
N LEU A 193 -30.92 6.71 7.97
CA LEU A 193 -31.43 7.75 7.08
C LEU A 193 -31.55 7.27 5.64
N ALA A 194 -30.64 6.40 5.21
CA ALA A 194 -30.74 5.77 3.90
C ALA A 194 -31.74 4.61 3.88
N SER A 195 -32.26 4.21 5.04
CA SER A 195 -33.27 3.17 5.10
C SER A 195 -34.62 3.60 4.54
N SER A 196 -34.82 4.91 4.33
CA SER A 196 -36.05 5.37 3.71
C SER A 196 -36.17 4.91 2.27
N VAL A 197 -35.04 4.55 1.64
CA VAL A 197 -35.04 4.08 0.27
C VAL A 197 -34.89 2.57 0.24
N GLY A 198 -34.15 2.02 1.21
CA GLY A 198 -34.03 0.57 1.29
C GLY A 198 -35.35 -0.11 1.62
N ILE A 199 -36.06 0.42 2.62
CA ILE A 199 -37.36 -0.14 2.98
C ILE A 199 -38.38 0.12 1.89
N SER A 200 -38.31 1.29 1.25
CA SER A 200 -39.22 1.57 0.15
C SER A 200 -38.98 0.61 -1.02
N ALA A 201 -37.72 0.27 -1.29
CA ALA A 201 -37.42 -0.67 -2.35
C ALA A 201 -37.83 -2.10 -1.97
N ILE A 202 -37.73 -2.44 -0.69
CA ILE A 202 -38.24 -3.74 -0.25
C ILE A 202 -39.75 -3.82 -0.46
N VAL A 203 -40.46 -2.74 -0.13
CA VAL A 203 -41.92 -2.74 -0.25
C VAL A 203 -42.32 -2.78 -1.73
N LEU A 204 -41.70 -1.92 -2.55
CA LEU A 204 -42.10 -1.77 -3.94
C LEU A 204 -41.43 -2.75 -4.88
N GLY A 205 -40.34 -3.39 -4.47
CA GLY A 205 -39.63 -4.28 -5.36
C GLY A 205 -40.43 -5.53 -5.68
N GLY A 206 -40.22 -6.05 -6.88
CA GLY A 206 -40.92 -7.25 -7.30
C GLY A 206 -40.61 -7.57 -8.74
N THR A 207 -41.23 -8.64 -9.22
CA THR A 207 -41.05 -9.11 -10.58
C THR A 207 -42.36 -9.00 -11.34
N LYS A 208 -42.30 -8.44 -12.56
CA LYS A 208 -43.46 -8.32 -13.43
C LYS A 208 -43.11 -8.93 -14.77
N VAL A 209 -43.98 -9.83 -15.25
CA VAL A 209 -43.75 -10.51 -16.52
C VAL A 209 -44.10 -9.57 -17.67
N ARG A 210 -43.20 -9.46 -18.64
CA ARG A 210 -43.50 -8.70 -19.84
C ARG A 210 -44.53 -9.45 -20.68
N GLU A 211 -45.55 -8.73 -21.13
CA GLU A 211 -46.64 -9.33 -21.89
C GLU A 211 -46.40 -9.31 -23.39
N ASP A 212 -45.24 -8.85 -23.84
CA ASP A 212 -44.92 -8.83 -25.26
C ASP A 212 -43.77 -9.76 -25.64
N VAL A 213 -42.91 -10.14 -24.69
CA VAL A 213 -41.78 -11.02 -24.97
C VAL A 213 -41.66 -12.16 -23.97
N ASP A 214 -42.55 -12.26 -23.00
CA ASP A 214 -42.49 -13.30 -21.97
C ASP A 214 -41.15 -13.27 -21.24
N VAL A 215 -40.76 -12.08 -20.80
CA VAL A 215 -39.50 -11.87 -20.10
C VAL A 215 -39.81 -11.30 -18.72
N ILE A 216 -39.25 -11.91 -17.69
CA ILE A 216 -39.42 -11.46 -16.32
C ILE A 216 -38.40 -10.37 -16.02
N GLU A 217 -38.87 -9.26 -15.43
CA GLU A 217 -38.02 -8.14 -15.09
C GLU A 217 -38.12 -7.85 -13.60
N CYS A 218 -36.98 -7.58 -12.99
CA CYS A 218 -36.91 -7.22 -11.57
C CYS A 218 -36.69 -5.71 -11.48
N SER A 219 -37.71 -4.99 -11.01
CA SER A 219 -37.63 -3.54 -10.87
C SER A 219 -38.74 -3.09 -9.92
N LEU A 220 -38.73 -1.80 -9.61
CA LEU A 220 -39.76 -1.23 -8.75
C LEU A 220 -41.08 -1.13 -9.50
N GLN A 221 -42.17 -1.46 -8.81
CA GLN A 221 -43.50 -1.48 -9.41
C GLN A 221 -44.35 -0.38 -8.77
N PHE A 222 -44.35 0.79 -9.41
CA PHE A 222 -45.25 1.86 -9.07
C PHE A 222 -46.63 1.58 -9.65
N PRO A 223 -47.67 2.27 -9.16
CA PRO A 223 -49.02 2.05 -9.71
C PRO A 223 -49.05 2.29 -11.22
N ASP A 224 -49.80 1.43 -11.91
CA ASP A 224 -49.79 1.42 -13.37
C ASP A 224 -50.39 2.69 -13.95
N ASP A 225 -51.40 3.26 -13.31
CA ASP A 225 -52.04 4.46 -13.85
C ASP A 225 -51.09 5.64 -13.90
N GLU A 226 -50.14 5.72 -12.96
CA GLU A 226 -49.18 6.81 -12.94
C GLU A 226 -47.73 6.31 -12.90
N TYR A 227 -47.42 5.23 -13.65
CA TYR A 227 -46.05 4.73 -13.68
C TYR A 227 -45.09 5.76 -14.25
N SER A 228 -45.51 6.44 -15.32
CA SER A 228 -44.63 7.41 -15.98
C SER A 228 -44.26 8.55 -15.04
N TRP A 229 -45.22 9.03 -14.25
CA TRP A 229 -44.93 10.14 -13.33
C TRP A 229 -44.12 9.66 -12.12
N TRP A 230 -44.46 8.49 -11.58
CA TRP A 230 -43.71 7.99 -10.43
C TRP A 230 -42.28 7.64 -10.81
N ASP A 231 -42.08 7.04 -11.98
CA ASP A 231 -40.73 6.66 -12.40
C ASP A 231 -39.85 7.88 -12.61
N LEU A 232 -40.37 8.93 -13.24
CA LEU A 232 -39.60 10.15 -13.42
C LEU A 232 -39.33 10.84 -12.09
N PHE A 233 -40.32 10.82 -11.19
CA PHE A 233 -40.14 11.48 -9.90
C PHE A 233 -39.06 10.80 -9.07
N MET A 234 -39.06 9.47 -9.03
CA MET A 234 -38.05 8.77 -8.23
C MET A 234 -36.66 8.95 -8.80
N LYS A 235 -36.53 8.93 -10.13
CA LYS A 235 -35.22 9.12 -10.74
C LYS A 235 -34.70 10.53 -10.54
N ILE A 236 -35.61 11.52 -10.54
CA ILE A 236 -35.20 12.90 -10.30
C ILE A 236 -34.77 13.09 -8.85
N CYS A 237 -35.54 12.53 -7.91
CA CYS A 237 -35.20 12.69 -6.49
C CYS A 237 -33.90 11.99 -6.16
N VAL A 238 -33.65 10.83 -6.75
CA VAL A 238 -32.38 10.12 -6.52
C VAL A 238 -31.22 10.94 -7.05
N PHE A 239 -31.41 11.62 -8.19
CA PHE A 239 -30.32 12.39 -8.78
C PHE A 239 -29.93 13.58 -7.90
N VAL A 240 -30.90 14.25 -7.28
CA VAL A 240 -30.58 15.47 -6.53
C VAL A 240 -30.16 15.15 -5.11
N PHE A 241 -30.77 14.15 -4.47
CA PHE A 241 -30.47 13.85 -3.07
C PHE A 241 -29.36 12.83 -2.89
N ALA A 242 -28.92 12.18 -3.96
CA ALA A 242 -27.82 11.23 -3.87
C ALA A 242 -26.63 11.60 -4.74
N PHE A 243 -26.78 12.52 -5.68
CA PHE A 243 -25.63 12.99 -6.45
C PHE A 243 -25.39 14.48 -6.30
N VAL A 244 -26.37 15.33 -6.59
CA VAL A 244 -26.10 16.76 -6.75
C VAL A 244 -25.74 17.39 -5.42
N ILE A 245 -26.62 17.28 -4.42
CA ILE A 245 -26.40 17.97 -3.15
C ILE A 245 -25.17 17.44 -2.41
N PRO A 246 -24.97 16.14 -2.24
CA PRO A 246 -23.73 15.68 -1.60
C PRO A 246 -22.47 16.09 -2.35
N VAL A 247 -22.52 16.12 -3.68
CA VAL A 247 -21.35 16.54 -4.45
C VAL A 247 -21.07 18.01 -4.22
N LEU A 248 -22.12 18.83 -4.15
CA LEU A 248 -21.92 20.25 -3.85
C LEU A 248 -21.32 20.45 -2.47
N ILE A 249 -21.80 19.69 -1.49
CA ILE A 249 -21.24 19.80 -0.14
C ILE A 249 -19.77 19.39 -0.13
N ILE A 250 -19.44 18.30 -0.82
CA ILE A 250 -18.05 17.86 -0.89
C ILE A 250 -17.18 18.92 -1.56
N ILE A 251 -17.67 19.51 -2.64
CA ILE A 251 -16.91 20.51 -3.37
C ILE A 251 -16.66 21.72 -2.49
N VAL A 252 -17.68 22.18 -1.76
CA VAL A 252 -17.51 23.32 -0.87
C VAL A 252 -16.49 23.00 0.21
N CYS A 253 -16.62 21.84 0.84
CA CYS A 253 -15.71 21.46 1.91
C CYS A 253 -14.27 21.39 1.40
N TYR A 254 -14.06 20.81 0.23
CA TYR A 254 -12.71 20.67 -0.28
C TYR A 254 -12.14 21.99 -0.79
N THR A 255 -12.97 22.88 -1.32
CA THR A 255 -12.48 24.22 -1.68
C THR A 255 -12.01 24.96 -0.43
N LEU A 256 -12.80 24.92 0.64
CA LEU A 256 -12.38 25.58 1.88
C LEU A 256 -11.12 24.92 2.44
N MET A 257 -11.04 23.60 2.39
CA MET A 257 -9.87 22.90 2.91
C MET A 257 -8.61 23.23 2.10
N ILE A 258 -8.74 23.31 0.77
CA ILE A 258 -7.60 23.68 -0.06
C ILE A 258 -7.15 25.10 0.23
N LEU A 259 -8.12 26.01 0.40
CA LEU A 259 -7.75 27.39 0.74
C LEU A 259 -7.01 27.45 2.07
N ARG A 260 -7.53 26.75 3.09
CA ARG A 260 -6.87 26.76 4.39
C ARG A 260 -5.50 26.11 4.32
N LEU A 261 -5.37 25.01 3.58
CA LEU A 261 -4.08 24.35 3.45
C LEU A 261 -3.06 25.27 2.79
N LYS A 262 -3.44 25.90 1.68
CA LYS A 262 -2.51 26.77 0.97
C LYS A 262 -2.14 27.99 1.80
N SER A 263 -3.11 28.57 2.52
CA SER A 263 -2.81 29.72 3.36
C SER A 263 -1.83 29.38 4.47
N VAL A 264 -2.02 28.22 5.13
CA VAL A 264 -1.09 27.76 6.15
C VAL A 264 0.10 27.05 5.53
N ARG A 265 0.05 26.74 4.23
CA ARG A 265 1.19 26.15 3.54
C ARG A 265 2.34 27.15 3.48
N LEU A 266 2.10 28.41 3.84
CA LEU A 266 3.21 29.30 4.11
C LEU A 266 3.93 28.92 5.40
N LEU A 267 3.16 28.69 6.48
CA LEU A 267 3.73 28.56 7.82
C LEU A 267 3.05 27.47 8.63
N SER A 268 2.86 26.29 8.04
CA SER A 268 2.48 25.14 8.85
C SER A 268 3.71 24.57 9.55
N GLY A 269 3.54 24.20 10.82
CA GLY A 269 4.73 23.99 11.64
C GLY A 269 4.80 22.82 12.61
N SER A 270 3.80 21.95 12.64
CA SER A 270 3.83 20.76 13.49
C SER A 270 4.05 19.55 12.58
N ARG A 271 5.24 18.96 12.65
CA ARG A 271 5.67 18.01 11.63
C ARG A 271 4.74 16.79 11.57
N GLU A 272 4.68 16.02 12.66
CA GLU A 272 3.99 14.74 12.62
C GLU A 272 2.48 14.91 12.41
N LYS A 273 1.86 15.79 13.19
CA LYS A 273 0.42 15.95 13.11
C LYS A 273 -0.01 16.50 11.75
N ASP A 274 0.69 17.52 11.24
CA ASP A 274 0.35 18.06 9.94
C ASP A 274 0.59 17.04 8.84
N ARG A 275 1.68 16.27 8.94
CA ARG A 275 1.93 15.23 7.94
C ARG A 275 0.79 14.23 7.89
N ASN A 276 0.39 13.72 9.06
CA ASN A 276 -0.71 12.74 9.10
C ASN A 276 -2.01 13.36 8.59
N LEU A 277 -2.30 14.59 8.99
CA LEU A 277 -3.54 15.23 8.59
C LEU A 277 -3.62 15.42 7.08
N ARG A 278 -2.54 15.93 6.47
CA ARG A 278 -2.53 16.11 5.02
C ARG A 278 -2.54 14.79 4.27
N ARG A 279 -1.85 13.76 4.77
CA ARG A 279 -1.90 12.46 4.11
C ARG A 279 -3.31 11.88 4.12
N ILE A 280 -3.98 11.93 5.26
CA ILE A 280 -5.33 11.37 5.34
C ILE A 280 -6.31 12.20 4.49
N THR A 281 -6.12 13.51 4.48
CA THR A 281 -6.96 14.36 3.63
C THR A 281 -6.78 14.02 2.15
N LYS A 282 -5.53 13.80 1.71
CA LYS A 282 -5.31 13.40 0.33
C LYS A 282 -5.96 12.05 0.02
N LEU A 283 -5.87 11.11 0.97
CA LEU A 283 -6.50 9.80 0.77
C LEU A 283 -8.01 9.95 0.58
N VAL A 284 -8.64 10.76 1.43
CA VAL A 284 -10.09 10.96 1.34
C VAL A 284 -10.44 11.65 0.02
N LEU A 285 -9.61 12.61 -0.39
CA LEU A 285 -9.86 13.29 -1.67
C LEU A 285 -9.80 12.31 -2.83
N VAL A 286 -8.81 11.42 -2.83
CA VAL A 286 -8.69 10.45 -3.92
C VAL A 286 -9.87 9.50 -3.93
N VAL A 287 -10.30 9.04 -2.75
CA VAL A 287 -11.45 8.14 -2.68
C VAL A 287 -12.70 8.82 -3.22
N VAL A 288 -12.94 10.07 -2.81
CA VAL A 288 -14.11 10.80 -3.29
C VAL A 288 -14.04 11.00 -4.80
N ALA A 289 -12.87 11.38 -5.31
CA ALA A 289 -12.72 11.59 -6.74
C ALA A 289 -12.93 10.32 -7.55
N VAL A 290 -12.43 9.18 -7.08
CA VAL A 290 -12.67 7.91 -7.77
C VAL A 290 -14.16 7.56 -7.77
N PHE A 291 -14.83 7.74 -6.62
CA PHE A 291 -16.27 7.51 -6.59
C PHE A 291 -17.00 8.43 -7.57
N ILE A 292 -16.55 9.68 -7.67
CA ILE A 292 -17.21 10.69 -8.49
C ILE A 292 -17.18 10.27 -9.95
N ILE A 293 -16.04 9.75 -10.40
CA ILE A 293 -15.85 9.46 -11.82
C ILE A 293 -16.35 8.06 -12.13
N CYS A 294 -16.56 7.24 -11.09
CA CYS A 294 -17.14 5.93 -11.31
C CYS A 294 -18.66 5.94 -11.31
N TRP A 295 -19.29 6.88 -10.59
CA TRP A 295 -20.73 6.91 -10.47
C TRP A 295 -21.38 8.06 -11.24
N THR A 296 -20.60 8.81 -12.01
CA THR A 296 -21.17 9.93 -12.78
C THR A 296 -21.84 9.45 -14.07
N PRO A 297 -21.21 8.60 -14.89
CA PRO A 297 -21.86 8.20 -16.14
C PRO A 297 -23.23 7.57 -15.96
N ILE A 298 -23.42 6.74 -14.93
CA ILE A 298 -24.69 6.04 -14.77
C ILE A 298 -25.80 7.02 -14.38
N HIS A 299 -25.49 7.97 -13.48
CA HIS A 299 -26.49 8.97 -13.09
C HIS A 299 -26.94 9.79 -14.28
N ILE A 300 -25.98 10.29 -15.07
CA ILE A 300 -26.32 11.11 -16.23
C ILE A 300 -27.08 10.29 -17.26
N PHE A 301 -26.67 9.05 -17.49
CA PHE A 301 -27.36 8.21 -18.46
C PHE A 301 -28.80 7.96 -18.05
N ILE A 302 -29.02 7.62 -16.77
CA ILE A 302 -30.38 7.37 -16.29
C ILE A 302 -31.22 8.63 -16.41
N LEU A 303 -30.67 9.78 -16.04
CA LEU A 303 -31.41 11.03 -16.14
C LEU A 303 -31.77 11.36 -17.58
N VAL A 304 -30.82 11.20 -18.50
CA VAL A 304 -31.06 11.52 -19.90
C VAL A 304 -32.12 10.57 -20.48
N GLU A 305 -32.01 9.28 -20.18
CA GLU A 305 -33.00 8.33 -20.68
C GLU A 305 -34.39 8.62 -20.12
N ALA A 306 -34.46 8.98 -18.84
CA ALA A 306 -35.75 9.30 -18.23
C ALA A 306 -36.37 10.55 -18.86
N LEU A 307 -35.55 11.58 -19.11
CA LEU A 307 -36.09 12.82 -19.68
C LEU A 307 -36.19 12.73 -21.20
N GLY A 308 -35.08 12.50 -21.87
CA GLY A 308 -35.06 12.42 -23.32
C GLY A 308 -35.55 11.08 -23.86
N ALA A 315 -26.40 1.33 -30.20
CA ALA A 315 -25.17 1.54 -29.46
C ALA A 315 -25.45 2.02 -28.05
N ALA A 316 -26.68 2.48 -27.82
CA ALA A 316 -27.06 2.97 -26.49
C ALA A 316 -26.99 1.86 -25.45
N LEU A 317 -27.48 0.66 -25.79
CA LEU A 317 -27.41 -0.46 -24.86
C LEU A 317 -25.97 -0.86 -24.56
N SER A 318 -25.07 -0.70 -25.53
CA SER A 318 -23.66 -0.89 -25.26
C SER A 318 -23.16 0.14 -24.25
N SER A 319 -23.61 1.39 -24.38
CA SER A 319 -23.22 2.42 -23.43
C SER A 319 -23.92 2.23 -22.09
N TYR A 320 -25.14 1.70 -22.11
CA TYR A 320 -25.89 1.54 -20.87
C TYR A 320 -25.22 0.55 -19.94
N TYR A 321 -24.84 -0.62 -20.46
CA TYR A 321 -24.25 -1.65 -19.62
C TYR A 321 -22.80 -1.36 -19.27
N PHE A 322 -22.12 -0.52 -20.06
CA PHE A 322 -20.79 -0.07 -19.64
C PHE A 322 -20.89 0.85 -18.43
N CYS A 323 -21.90 1.71 -18.41
CA CYS A 323 -22.10 2.59 -17.26
C CYS A 323 -22.45 1.81 -16.01
N ILE A 324 -23.31 0.79 -16.14
CA ILE A 324 -23.68 -0.04 -14.99
C ILE A 324 -22.47 -0.77 -14.45
N ALA A 325 -21.67 -1.36 -15.36
CA ALA A 325 -20.48 -2.10 -14.93
C ALA A 325 -19.46 -1.17 -14.29
N LEU A 326 -19.30 0.04 -14.83
CA LEU A 326 -18.35 0.98 -14.27
C LEU A 326 -18.70 1.36 -12.84
N GLY A 327 -19.99 1.56 -12.57
CA GLY A 327 -20.42 1.89 -11.22
C GLY A 327 -20.17 0.77 -10.22
N TYR A 328 -20.30 -0.48 -10.66
CA TYR A 328 -20.08 -1.61 -9.76
C TYR A 328 -18.61 -1.86 -9.47
N THR A 329 -17.72 -1.49 -10.39
CA THR A 329 -16.30 -1.69 -10.18
C THR A 329 -15.74 -0.81 -9.06
N ASN A 330 -16.45 0.25 -8.69
CA ASN A 330 -16.00 1.13 -7.61
C ASN A 330 -15.94 0.39 -6.28
N SER A 331 -16.73 -0.68 -6.11
CA SER A 331 -16.72 -1.41 -4.86
C SER A 331 -15.44 -2.19 -4.64
N SER A 332 -14.64 -2.40 -5.69
CA SER A 332 -13.41 -3.18 -5.60
C SER A 332 -12.15 -2.33 -5.50
N LEU A 333 -12.21 -1.06 -5.92
CA LEU A 333 -11.04 -0.21 -5.97
C LEU A 333 -10.71 0.44 -4.63
N ASN A 334 -11.64 0.44 -3.67
CA ASN A 334 -11.41 1.10 -2.39
C ASN A 334 -10.28 0.43 -1.60
N PRO A 335 -10.25 -0.90 -1.46
CA PRO A 335 -9.10 -1.51 -0.77
C PRO A 335 -7.77 -1.24 -1.45
N VAL A 336 -7.74 -1.21 -2.79
CA VAL A 336 -6.52 -0.87 -3.50
C VAL A 336 -6.08 0.55 -3.18
N LEU A 337 -7.04 1.48 -3.16
CA LEU A 337 -6.73 2.87 -2.85
C LEU A 337 -6.19 3.00 -1.43
N TYR A 338 -6.81 2.30 -0.47
CA TYR A 338 -6.35 2.33 0.90
C TYR A 338 -4.94 1.76 1.02
N ALA A 339 -4.68 0.65 0.33
CA ALA A 339 -3.35 0.04 0.40
C ALA A 339 -2.28 0.93 -0.21
N PHE A 340 -2.60 1.62 -1.32
CA PHE A 340 -1.60 2.42 -1.99
C PHE A 340 -1.40 3.80 -1.36
N LEU A 341 -2.42 4.34 -0.68
CA LEU A 341 -2.36 5.70 -0.18
C LEU A 341 -2.32 5.81 1.34
N ASP A 342 -2.23 4.69 2.06
CA ASP A 342 -2.16 4.71 3.51
C ASP A 342 -1.04 3.79 3.96
N GLU A 343 -0.16 4.29 4.82
CA GLU A 343 0.93 3.47 5.32
C GLU A 343 0.43 2.48 6.37
N ASN A 344 -0.45 2.92 7.26
CA ASN A 344 -0.97 2.03 8.29
C ASN A 344 -1.79 0.89 7.69
N PHE A 345 -2.64 1.20 6.71
CA PHE A 345 -3.42 0.15 6.06
C PHE A 345 -2.53 -0.82 5.30
N LYS A 346 -1.50 -0.31 4.62
CA LYS A 346 -0.57 -1.18 3.92
C LYS A 346 0.18 -2.09 4.90
N ARG A 347 0.61 -1.54 6.03
CA ARG A 347 1.28 -2.35 7.04
C ARG A 347 0.37 -3.43 7.59
N CYS A 348 -0.89 -3.09 7.87
CA CYS A 348 -1.84 -4.09 8.37
C CYS A 348 -2.11 -5.17 7.33
N PHE A 349 -2.21 -4.78 6.06
CA PHE A 349 -2.42 -5.76 4.99
C PHE A 349 -1.22 -6.70 4.88
N ARG A 350 0.00 -6.15 4.97
CA ARG A 350 1.19 -6.99 4.93
C ARG A 350 1.24 -7.94 6.12
N ASP A 351 0.89 -7.45 7.32
CA ASP A 351 0.89 -8.30 8.49
C ASP A 351 -0.12 -9.42 8.36
N PHE A 352 -1.31 -9.11 7.84
CA PHE A 352 -2.34 -10.14 7.67
C PHE A 352 -1.92 -11.17 6.62
N CYS A 353 -1.39 -10.71 5.49
CA CYS A 353 -1.01 -11.64 4.43
C CYS A 353 0.22 -12.45 4.82
N PHE A 354 1.25 -11.79 5.34
CA PHE A 354 2.52 -12.43 5.69
C PHE A 354 2.88 -12.07 7.13
N PRO A 355 2.35 -12.81 8.11
CA PRO A 355 2.64 -12.53 9.53
C PRO A 355 4.06 -12.90 9.92
N ALA B 65 1.32 -12.81 -9.08
CA ALA B 65 -0.06 -12.53 -9.45
C ALA B 65 -0.76 -13.78 -9.92
N ILE B 66 -0.04 -14.90 -9.92
CA ILE B 66 -0.63 -16.18 -10.32
C ILE B 66 -1.78 -16.59 -9.38
N PRO B 67 -1.64 -16.54 -8.05
CA PRO B 67 -2.78 -16.93 -7.21
C PRO B 67 -4.03 -16.11 -7.45
N VAL B 68 -3.88 -14.80 -7.70
CA VAL B 68 -5.05 -13.97 -8.02
C VAL B 68 -5.59 -14.33 -9.40
N ILE B 69 -4.71 -14.57 -10.37
CA ILE B 69 -5.17 -14.92 -11.71
C ILE B 69 -5.81 -16.30 -11.71
N ILE B 70 -5.18 -17.28 -11.05
CA ILE B 70 -5.73 -18.63 -11.03
C ILE B 70 -7.02 -18.70 -10.24
N THR B 71 -7.34 -17.68 -9.45
CA THR B 71 -8.62 -17.57 -8.77
C THR B 71 -9.78 -17.39 -9.75
N ALA B 72 -9.48 -17.06 -11.01
CA ALA B 72 -10.53 -16.76 -11.98
C ALA B 72 -11.49 -17.93 -12.17
N VAL B 73 -11.08 -19.16 -11.81
CA VAL B 73 -12.05 -20.25 -11.75
C VAL B 73 -13.10 -19.96 -10.70
N TYR B 74 -12.65 -19.63 -9.48
CA TYR B 74 -13.56 -19.36 -8.37
C TYR B 74 -14.52 -18.23 -8.67
N SER B 75 -14.17 -17.35 -9.60
CA SER B 75 -15.03 -16.23 -9.95
C SER B 75 -15.95 -16.58 -11.12
N VAL B 76 -15.36 -16.84 -12.29
CA VAL B 76 -16.15 -17.01 -13.50
C VAL B 76 -17.05 -18.22 -13.37
N VAL B 77 -16.45 -19.36 -13.00
CA VAL B 77 -17.30 -20.55 -12.71
C VAL B 77 -17.88 -20.24 -11.32
N PHE B 78 -19.03 -20.83 -10.96
CA PHE B 78 -19.72 -20.48 -9.68
C PHE B 78 -20.52 -19.20 -9.96
N VAL B 79 -19.92 -18.18 -10.58
CA VAL B 79 -20.77 -17.01 -10.96
C VAL B 79 -21.69 -17.64 -12.02
N VAL B 80 -21.08 -18.32 -13.00
CA VAL B 80 -21.87 -19.08 -13.96
C VAL B 80 -22.61 -20.24 -13.32
N GLY B 81 -22.00 -20.92 -12.35
CA GLY B 81 -22.65 -22.04 -11.69
C GLY B 81 -23.88 -21.65 -10.90
N LEU B 82 -23.81 -20.51 -10.21
CA LEU B 82 -24.98 -20.00 -9.50
C LEU B 82 -26.12 -19.71 -10.48
N VAL B 83 -25.80 -19.06 -11.60
CA VAL B 83 -26.82 -18.74 -12.59
C VAL B 83 -27.43 -20.01 -13.17
N GLY B 84 -26.60 -21.00 -13.49
CA GLY B 84 -27.12 -22.24 -14.05
C GLY B 84 -28.00 -22.99 -13.07
N ASN B 85 -27.58 -23.10 -11.82
CA ASN B 85 -28.39 -23.80 -10.82
C ASN B 85 -29.69 -23.06 -10.55
N SER B 86 -29.65 -21.73 -10.49
CA SER B 86 -30.87 -20.96 -10.31
C SER B 86 -31.81 -21.14 -11.50
N LEU B 87 -31.26 -21.17 -12.71
CA LEU B 87 -32.10 -21.40 -13.89
C LEU B 87 -32.73 -22.78 -13.85
N VAL B 88 -31.98 -23.79 -13.42
CA VAL B 88 -32.53 -25.14 -13.29
C VAL B 88 -33.68 -25.15 -12.30
N MET B 89 -33.47 -24.53 -11.14
CA MET B 89 -34.53 -24.50 -10.12
C MET B 89 -35.76 -23.76 -10.62
N PHE B 90 -35.55 -22.62 -11.30
CA PHE B 90 -36.68 -21.86 -11.82
C PHE B 90 -37.44 -22.64 -12.88
N VAL B 91 -36.72 -23.34 -13.76
CA VAL B 91 -37.37 -24.15 -14.79
C VAL B 91 -38.20 -25.25 -14.14
N ILE B 92 -37.66 -25.91 -13.13
CA ILE B 92 -38.41 -26.97 -12.46
C ILE B 92 -39.64 -26.41 -11.77
N ILE B 93 -39.51 -25.26 -11.10
CA ILE B 93 -40.63 -24.71 -10.34
C ILE B 93 -41.72 -24.20 -11.26
N ARG B 94 -41.35 -23.52 -12.34
CA ARG B 94 -42.34 -22.81 -13.16
C ARG B 94 -43.13 -23.77 -14.05
N TYR B 95 -42.44 -24.50 -14.93
CA TYR B 95 -43.14 -25.30 -15.93
C TYR B 95 -43.82 -26.51 -15.29
N THR B 96 -45.02 -26.82 -15.76
CA THR B 96 -45.78 -27.93 -15.23
C THR B 96 -45.37 -29.27 -15.83
N LYS B 97 -44.66 -29.27 -16.96
CA LYS B 97 -44.12 -30.49 -17.53
C LYS B 97 -42.81 -30.92 -16.87
N MET B 98 -42.25 -30.08 -16.01
CA MET B 98 -40.96 -30.31 -15.38
C MET B 98 -41.07 -30.96 -14.01
N LYS B 99 -42.28 -31.32 -13.56
CA LYS B 99 -42.49 -31.81 -12.20
C LYS B 99 -42.57 -33.32 -12.22
N THR B 100 -41.40 -33.96 -12.16
CA THR B 100 -41.27 -35.39 -11.98
C THR B 100 -40.32 -35.66 -10.81
N ALA B 101 -40.31 -36.91 -10.34
CA ALA B 101 -39.50 -37.25 -9.17
C ALA B 101 -38.02 -37.01 -9.44
N THR B 102 -37.53 -37.42 -10.61
CA THR B 102 -36.14 -37.17 -10.97
C THR B 102 -35.85 -35.68 -10.98
N ASN B 103 -36.77 -34.88 -11.51
CA ASN B 103 -36.57 -33.44 -11.53
C ASN B 103 -36.63 -32.84 -10.13
N ILE B 104 -37.41 -33.44 -9.22
CA ILE B 104 -37.43 -32.93 -7.85
C ILE B 104 -36.09 -33.20 -7.16
N TYR B 105 -35.54 -34.39 -7.36
CA TYR B 105 -34.21 -34.67 -6.81
C TYR B 105 -33.16 -33.76 -7.44
N ILE B 106 -33.28 -33.50 -8.74
CA ILE B 106 -32.38 -32.56 -9.41
C ILE B 106 -32.53 -31.17 -8.81
N PHE B 107 -33.75 -30.79 -8.44
CA PHE B 107 -33.97 -29.51 -7.76
C PHE B 107 -33.23 -29.47 -6.43
N ASN B 108 -33.26 -30.57 -5.69
CA ASN B 108 -32.52 -30.63 -4.43
C ASN B 108 -31.01 -30.47 -4.68
N LEU B 109 -30.49 -31.17 -5.69
CA LEU B 109 -29.09 -31.01 -6.06
C LEU B 109 -28.76 -29.57 -6.38
N ALA B 110 -29.61 -28.92 -7.19
CA ALA B 110 -29.36 -27.55 -7.60
C ALA B 110 -29.44 -26.60 -6.41
N LEU B 111 -30.36 -26.85 -5.48
CA LEU B 111 -30.44 -26.00 -4.29
C LEU B 111 -29.17 -26.09 -3.45
N ALA B 112 -28.67 -27.32 -3.24
CA ALA B 112 -27.44 -27.47 -2.49
C ALA B 112 -26.26 -26.80 -3.21
N ASP B 113 -26.17 -26.98 -4.53
CA ASP B 113 -25.06 -26.41 -5.28
C ASP B 113 -25.13 -24.89 -5.35
N ALA B 114 -26.34 -24.32 -5.34
CA ALA B 114 -26.48 -22.87 -5.31
C ALA B 114 -26.18 -22.31 -3.93
N LEU B 115 -26.49 -23.06 -2.87
CA LEU B 115 -26.14 -22.63 -1.53
C LEU B 115 -24.62 -22.62 -1.34
N VAL B 116 -23.93 -23.67 -1.78
CA VAL B 116 -22.49 -23.74 -1.56
C VAL B 116 -21.75 -22.74 -2.43
N THR B 117 -22.32 -22.34 -3.57
CA THR B 117 -21.64 -21.44 -4.50
C THR B 117 -21.45 -20.05 -3.89
N THR B 118 -22.42 -19.56 -3.13
CA THR B 118 -22.35 -18.20 -2.60
C THR B 118 -21.26 -18.01 -1.56
N THR B 119 -20.63 -19.09 -1.09
CA THR B 119 -19.56 -19.00 -0.10
C THR B 119 -18.17 -19.07 -0.72
N MET B 120 -18.08 -19.02 -2.06
CA MET B 120 -16.78 -19.09 -2.71
C MET B 120 -15.84 -17.95 -2.37
N PRO B 121 -16.27 -16.68 -2.31
CA PRO B 121 -15.33 -15.62 -1.90
C PRO B 121 -14.78 -15.84 -0.50
N PHE B 122 -15.50 -16.57 0.35
CA PHE B 122 -15.03 -16.84 1.69
C PHE B 122 -13.96 -17.93 1.73
N GLN B 123 -13.77 -18.67 0.64
CA GLN B 123 -12.62 -19.56 0.51
C GLN B 123 -11.51 -18.95 -0.34
N SER B 124 -11.87 -17.93 -1.14
CA SER B 124 -10.92 -17.13 -1.92
C SER B 124 -10.14 -16.15 -1.04
N ALA B 125 -10.80 -15.51 -0.08
CA ALA B 125 -10.11 -14.75 0.97
C ALA B 125 -9.22 -15.64 1.83
N VAL B 126 -9.64 -16.88 2.05
CA VAL B 126 -8.71 -17.86 2.68
C VAL B 126 -7.96 -18.36 1.44
N TYR B 127 -7.07 -19.35 1.59
CA TYR B 127 -6.29 -19.91 0.45
C TYR B 127 -5.42 -18.79 -0.14
N LEU B 128 -5.97 -17.59 -0.31
CA LEU B 128 -5.17 -16.45 -0.82
C LEU B 128 -4.60 -15.68 0.38
N MET B 129 -5.45 -15.18 1.29
CA MET B 129 -4.88 -14.51 2.44
C MET B 129 -4.44 -15.46 3.54
N ASN B 130 -4.70 -16.76 3.40
CA ASN B 130 -4.26 -17.80 4.34
C ASN B 130 -4.85 -17.63 5.73
N SER B 131 -5.79 -16.71 5.91
CA SER B 131 -6.40 -16.48 7.22
C SER B 131 -7.86 -16.11 7.02
N TRP B 132 -8.62 -16.16 8.12
CA TRP B 132 -10.07 -15.99 8.07
C TRP B 132 -10.46 -14.68 8.75
N PRO B 133 -10.77 -13.63 7.99
CA PRO B 133 -11.19 -12.36 8.58
C PRO B 133 -12.69 -12.18 8.76
N PHE B 134 -13.50 -13.21 8.58
CA PHE B 134 -14.95 -13.05 8.55
C PHE B 134 -15.62 -13.29 9.90
N GLY B 135 -14.90 -13.76 10.91
CA GLY B 135 -15.45 -13.89 12.23
C GLY B 135 -16.11 -15.23 12.51
N ASP B 136 -16.53 -15.37 13.77
CA ASP B 136 -17.04 -16.64 14.26
C ASP B 136 -18.36 -17.03 13.61
N VAL B 137 -19.30 -16.08 13.50
CA VAL B 137 -20.62 -16.40 12.98
C VAL B 137 -20.53 -16.79 11.50
N LEU B 138 -19.77 -16.03 10.71
CA LEU B 138 -19.61 -16.39 9.31
C LEU B 138 -18.83 -17.70 9.16
N CYS B 139 -17.88 -17.96 10.06
CA CYS B 139 -17.20 -19.26 10.04
C CYS B 139 -18.19 -20.39 10.26
N LYS B 140 -19.09 -20.24 11.24
CA LYS B 140 -20.10 -21.26 11.49
C LYS B 140 -21.00 -21.45 10.29
N ILE B 141 -21.45 -20.34 9.68
CA ILE B 141 -22.35 -20.43 8.53
C ILE B 141 -21.68 -21.14 7.37
N VAL B 142 -20.44 -20.77 7.08
CA VAL B 142 -19.73 -21.37 5.95
C VAL B 142 -19.47 -22.85 6.18
N ILE B 143 -19.06 -23.22 7.40
CA ILE B 143 -18.81 -24.63 7.69
C ILE B 143 -20.10 -25.44 7.58
N SER B 144 -21.19 -24.89 8.11
CA SER B 144 -22.47 -25.58 8.02
C SER B 144 -22.92 -25.76 6.58
N ILE B 145 -22.72 -24.72 5.75
CA ILE B 145 -23.10 -24.83 4.35
C ILE B 145 -22.26 -25.89 3.65
N ASP B 146 -20.96 -25.93 3.94
CA ASP B 146 -20.09 -26.94 3.33
C ASP B 146 -20.56 -28.35 3.68
N TYR B 147 -20.79 -28.61 4.96
CA TYR B 147 -21.21 -29.95 5.37
C TYR B 147 -22.59 -30.30 4.83
N TYR B 148 -23.50 -29.33 4.84
CA TYR B 148 -24.83 -29.56 4.29
C TYR B 148 -24.75 -29.94 2.82
N ASN B 149 -23.97 -29.21 2.04
CA ASN B 149 -23.83 -29.52 0.62
C ASN B 149 -23.25 -30.92 0.44
N MET B 150 -22.17 -31.22 1.15
CA MET B 150 -21.48 -32.49 0.93
C MET B 150 -22.35 -33.68 1.33
N PHE B 151 -23.19 -33.53 2.36
CA PHE B 151 -24.08 -34.63 2.74
C PHE B 151 -25.29 -34.72 1.84
N THR B 152 -25.95 -33.60 1.59
CA THR B 152 -27.20 -33.59 0.84
C THR B 152 -26.98 -34.04 -0.59
N SER B 153 -25.88 -33.65 -1.22
CA SER B 153 -25.64 -34.04 -2.60
C SER B 153 -25.58 -35.56 -2.73
N ILE B 154 -24.79 -36.22 -1.89
CA ILE B 154 -24.65 -37.66 -2.01
C ILE B 154 -25.92 -38.38 -1.60
N PHE B 155 -26.63 -37.87 -0.59
CA PHE B 155 -27.87 -38.53 -0.19
C PHE B 155 -28.93 -38.41 -1.29
N THR B 156 -29.02 -37.24 -1.92
CA THR B 156 -29.98 -37.07 -3.01
C THR B 156 -29.60 -37.92 -4.22
N LEU B 157 -28.31 -38.07 -4.49
CA LEU B 157 -27.90 -38.95 -5.59
C LEU B 157 -28.22 -40.41 -5.29
N THR B 158 -28.05 -40.82 -4.03
CA THR B 158 -28.44 -42.17 -3.65
C THR B 158 -29.94 -42.38 -3.83
N MET B 159 -30.74 -41.39 -3.43
CA MET B 159 -32.18 -41.49 -3.64
C MET B 159 -32.54 -41.51 -5.12
N MET B 160 -31.82 -40.73 -5.93
CA MET B 160 -32.01 -40.80 -7.37
C MET B 160 -31.77 -42.20 -7.90
N SER B 161 -30.67 -42.82 -7.49
CA SER B 161 -30.36 -44.17 -7.97
C SER B 161 -31.39 -45.18 -7.52
N VAL B 162 -31.84 -45.08 -6.26
CA VAL B 162 -32.86 -45.99 -5.76
C VAL B 162 -34.17 -45.80 -6.53
N ASP B 163 -34.55 -44.55 -6.79
CA ASP B 163 -35.77 -44.28 -7.53
C ASP B 163 -35.69 -44.81 -8.95
N ARG B 164 -34.54 -44.64 -9.60
CA ARG B 164 -34.36 -45.18 -10.95
C ARG B 164 -34.44 -46.70 -10.94
N TYR B 165 -33.84 -47.34 -9.92
CA TYR B 165 -33.93 -48.79 -9.81
C TYR B 165 -35.38 -49.24 -9.65
N ILE B 166 -36.15 -48.52 -8.83
CA ILE B 166 -37.56 -48.84 -8.67
C ILE B 166 -38.31 -48.67 -9.98
N ALA B 167 -38.02 -47.58 -10.70
CA ALA B 167 -38.73 -47.30 -11.94
C ALA B 167 -38.42 -48.33 -13.02
N VAL B 168 -37.18 -48.82 -13.07
CA VAL B 168 -36.78 -49.73 -14.13
C VAL B 168 -37.10 -51.18 -13.76
N CYS B 169 -36.50 -51.68 -12.67
CA CYS B 169 -36.61 -53.09 -12.35
C CYS B 169 -37.95 -53.46 -11.74
N HIS B 170 -38.70 -52.52 -11.17
CA HIS B 170 -39.98 -52.80 -10.54
C HIS B 170 -41.03 -51.81 -11.05
N PRO B 171 -41.40 -51.90 -12.33
CA PRO B 171 -42.36 -50.94 -12.88
C PRO B 171 -43.73 -51.01 -12.24
N VAL B 172 -44.07 -52.12 -11.58
CA VAL B 172 -45.39 -52.26 -10.98
C VAL B 172 -45.55 -51.27 -9.82
N LYS B 173 -44.57 -51.21 -8.93
CA LYS B 173 -44.65 -50.35 -7.76
C LYS B 173 -44.27 -48.89 -8.06
N ALA B 174 -43.70 -48.62 -9.22
CA ALA B 174 -43.26 -47.27 -9.54
C ALA B 174 -44.41 -46.32 -9.84
N LEU B 175 -45.64 -46.84 -9.96
CA LEU B 175 -46.77 -45.98 -10.27
C LEU B 175 -47.21 -45.13 -9.09
N ASP B 176 -46.86 -45.52 -7.87
CA ASP B 176 -47.22 -44.77 -6.67
C ASP B 176 -46.04 -44.23 -5.90
N PHE B 177 -44.87 -44.86 -5.98
CA PHE B 177 -43.70 -44.41 -5.23
C PHE B 177 -43.09 -43.15 -5.84
N ARG B 178 -43.22 -42.97 -7.16
CA ARG B 178 -42.59 -41.85 -7.86
C ARG B 178 -43.50 -40.64 -7.97
N THR B 179 -44.42 -40.46 -7.03
CA THR B 179 -45.24 -39.25 -7.02
C THR B 179 -44.37 -38.04 -6.68
N PRO B 180 -44.54 -36.92 -7.39
CA PRO B 180 -43.74 -35.73 -7.07
C PRO B 180 -43.88 -35.26 -5.64
N LEU B 181 -45.07 -35.40 -5.05
CA LEU B 181 -45.24 -35.04 -3.64
C LEU B 181 -44.39 -35.93 -2.76
N LYS B 182 -44.33 -37.24 -3.07
CA LYS B 182 -43.46 -38.14 -2.34
C LYS B 182 -42.00 -37.74 -2.51
N ALA B 183 -41.62 -37.30 -3.71
CA ALA B 183 -40.26 -36.84 -3.93
C ALA B 183 -39.94 -35.62 -3.09
N LYS B 184 -40.89 -34.68 -2.98
CA LYS B 184 -40.67 -33.51 -2.14
C LYS B 184 -40.53 -33.90 -0.68
N ILE B 185 -41.36 -34.85 -0.21
CA ILE B 185 -41.23 -35.33 1.16
C ILE B 185 -39.87 -35.96 1.38
N ILE B 186 -39.42 -36.78 0.42
CA ILE B 186 -38.12 -37.44 0.55
C ILE B 186 -37.00 -36.40 0.59
N ASN B 187 -37.13 -35.33 -0.21
CA ASN B 187 -36.15 -34.26 -0.15
C ASN B 187 -36.14 -33.60 1.22
N ILE B 188 -37.31 -33.36 1.80
CA ILE B 188 -37.38 -32.73 3.12
C ILE B 188 -36.69 -33.60 4.16
N CYS B 189 -36.97 -34.91 4.14
CA CYS B 189 -36.31 -35.79 5.10
C CYS B 189 -34.81 -35.93 4.82
N ILE B 190 -34.39 -35.79 3.56
CA ILE B 190 -32.97 -35.79 3.25
C ILE B 190 -32.29 -34.59 3.90
N TRP B 191 -32.92 -33.41 3.78
CA TRP B 191 -32.34 -32.22 4.38
C TRP B 191 -32.36 -32.30 5.91
N LEU B 192 -33.42 -32.89 6.47
CA LEU B 192 -33.48 -33.06 7.92
C LEU B 192 -32.42 -34.03 8.42
N LEU B 193 -32.19 -35.11 7.68
CA LEU B 193 -31.20 -36.09 8.08
C LEU B 193 -29.79 -35.52 8.00
N ALA B 194 -29.54 -34.67 6.99
CA ALA B 194 -28.24 -34.00 6.89
C ALA B 194 -28.04 -32.95 7.97
N SER B 195 -29.10 -32.58 8.71
CA SER B 195 -28.98 -31.62 9.80
C SER B 195 -28.24 -32.17 11.01
N SER B 196 -27.96 -33.47 11.04
CA SER B 196 -27.17 -34.04 12.13
C SER B 196 -25.79 -33.41 12.17
N VAL B 197 -25.17 -33.22 11.01
CA VAL B 197 -23.88 -32.52 10.93
C VAL B 197 -24.03 -31.05 10.53
N GLY B 198 -25.14 -30.69 9.89
CA GLY B 198 -25.36 -29.28 9.57
C GLY B 198 -25.53 -28.41 10.80
N ILE B 199 -26.15 -28.95 11.85
CA ILE B 199 -26.33 -28.21 13.10
C ILE B 199 -25.14 -28.40 14.03
N SER B 200 -24.54 -29.59 14.03
CA SER B 200 -23.33 -29.79 14.82
C SER B 200 -22.19 -28.92 14.33
N ALA B 201 -22.16 -28.63 13.03
CA ALA B 201 -21.17 -27.70 12.49
C ALA B 201 -21.40 -26.28 13.01
N ILE B 202 -22.66 -25.87 13.11
CA ILE B 202 -22.98 -24.57 13.69
C ILE B 202 -22.55 -24.52 15.14
N VAL B 203 -22.83 -25.59 15.89
CA VAL B 203 -22.53 -25.61 17.32
C VAL B 203 -21.01 -25.61 17.55
N LEU B 204 -20.29 -26.46 16.84
CA LEU B 204 -18.86 -26.64 17.08
C LEU B 204 -17.98 -25.73 16.25
N GLY B 205 -18.50 -25.13 15.19
CA GLY B 205 -17.68 -24.29 14.34
C GLY B 205 -17.26 -23.01 15.05
N GLY B 206 -16.06 -22.54 14.71
CA GLY B 206 -15.54 -21.33 15.33
C GLY B 206 -14.17 -21.02 14.78
N THR B 207 -13.64 -19.89 15.24
CA THR B 207 -12.33 -19.41 14.83
C THR B 207 -11.33 -19.59 15.97
N LYS B 208 -10.18 -20.16 15.65
CA LYS B 208 -9.10 -20.33 16.62
C LYS B 208 -7.82 -19.76 16.04
N VAL B 209 -7.17 -18.88 16.78
CA VAL B 209 -5.93 -18.25 16.33
C VAL B 209 -4.78 -19.23 16.56
N ARG B 210 -3.94 -19.42 15.54
CA ARG B 210 -2.78 -20.28 15.69
C ARG B 210 -1.85 -19.70 16.74
N GLU B 211 -1.26 -20.59 17.54
CA GLU B 211 -0.45 -20.19 18.68
C GLU B 211 1.00 -19.87 18.34
N ASP B 212 1.40 -20.03 17.07
CA ASP B 212 2.79 -19.83 16.69
C ASP B 212 3.00 -18.89 15.51
N VAL B 213 1.97 -18.58 14.73
CA VAL B 213 2.12 -17.73 13.55
C VAL B 213 1.09 -16.63 13.47
N ASP B 214 0.16 -16.55 14.43
CA ASP B 214 -0.86 -15.49 14.48
C ASP B 214 -1.73 -15.50 13.22
N VAL B 215 -2.24 -16.69 12.88
CA VAL B 215 -3.15 -16.87 11.75
C VAL B 215 -4.45 -17.47 12.28
N ILE B 216 -5.56 -16.84 11.92
CA ILE B 216 -6.87 -17.31 12.36
C ILE B 216 -7.29 -18.48 11.48
N GLU B 217 -7.71 -19.57 12.12
CA GLU B 217 -8.15 -20.78 11.43
C GLU B 217 -9.65 -20.96 11.62
N CYS B 218 -10.34 -21.29 10.53
CA CYS B 218 -11.75 -21.64 10.57
C CYS B 218 -11.89 -23.14 10.43
N SER B 219 -12.41 -23.79 11.47
CA SER B 219 -12.56 -25.24 11.50
C SER B 219 -13.46 -25.60 12.67
N LEU B 220 -13.71 -26.90 12.83
CA LEU B 220 -14.48 -27.37 13.97
C LEU B 220 -13.61 -27.32 15.23
N GLN B 221 -14.24 -27.02 16.36
CA GLN B 221 -13.53 -26.78 17.62
C GLN B 221 -13.88 -27.89 18.61
N PHE B 222 -13.09 -28.95 18.59
CA PHE B 222 -13.23 -30.04 19.54
C PHE B 222 -12.46 -29.74 20.81
N PRO B 223 -12.77 -30.41 21.92
CA PRO B 223 -12.01 -30.21 23.16
C PRO B 223 -10.53 -30.51 22.95
N ASP B 224 -9.69 -29.68 23.58
CA ASP B 224 -8.26 -29.72 23.29
C ASP B 224 -7.60 -31.02 23.73
N ASP B 225 -8.07 -31.55 24.87
CA ASP B 225 -7.48 -32.80 25.42
C ASP B 225 -7.57 -33.94 24.39
N GLU B 226 -8.78 -34.22 23.88
CA GLU B 226 -8.94 -35.39 22.97
C GLU B 226 -9.29 -34.94 21.54
N TYR B 227 -9.05 -33.67 21.20
CA TYR B 227 -9.27 -33.23 19.79
C TYR B 227 -8.63 -34.26 18.89
N SER B 228 -7.35 -34.55 19.14
CA SER B 228 -6.62 -35.57 18.35
C SER B 228 -7.57 -36.73 17.98
N TRP B 229 -8.23 -37.32 18.97
CA TRP B 229 -9.06 -38.48 18.64
C TRP B 229 -10.39 -38.10 18.04
N TRP B 230 -10.98 -36.99 18.49
CA TRP B 230 -12.27 -36.57 17.99
C TRP B 230 -12.23 -36.25 16.50
N ASP B 231 -11.17 -35.59 16.05
CA ASP B 231 -11.04 -35.26 14.64
C ASP B 231 -10.94 -36.52 13.78
N LEU B 232 -10.13 -37.49 14.20
CA LEU B 232 -10.00 -38.73 13.45
C LEU B 232 -11.31 -39.49 13.42
N PHE B 233 -12.01 -39.56 14.56
CA PHE B 233 -13.29 -40.24 14.59
C PHE B 233 -14.31 -39.56 13.68
N MET B 234 -14.35 -38.22 13.71
CA MET B 234 -15.27 -37.48 12.85
C MET B 234 -14.97 -37.71 11.39
N LYS B 235 -13.69 -37.69 11.01
CA LYS B 235 -13.33 -37.92 9.61
C LYS B 235 -13.68 -39.34 9.17
N ILE B 236 -13.43 -40.32 10.03
CA ILE B 236 -13.77 -41.70 9.69
C ILE B 236 -15.28 -41.86 9.50
N CYS B 237 -16.06 -41.30 10.43
CA CYS B 237 -17.51 -41.39 10.32
C CYS B 237 -18.02 -40.66 9.09
N VAL B 238 -17.45 -39.49 8.79
CA VAL B 238 -17.85 -38.74 7.59
C VAL B 238 -17.58 -39.56 6.34
N PHE B 239 -16.37 -40.13 6.23
CA PHE B 239 -16.04 -40.93 5.06
C PHE B 239 -16.98 -42.12 4.92
N VAL B 240 -17.21 -42.85 6.01
CA VAL B 240 -18.02 -44.05 5.95
C VAL B 240 -19.47 -43.72 5.60
N PHE B 241 -20.03 -42.69 6.23
CA PHE B 241 -21.45 -42.39 6.11
C PHE B 241 -21.78 -41.46 4.95
N ALA B 242 -20.78 -40.91 4.26
CA ALA B 242 -21.06 -40.05 3.13
C ALA B 242 -20.44 -40.52 1.82
N PHE B 243 -19.49 -41.45 1.86
CA PHE B 243 -18.88 -41.94 0.62
C PHE B 243 -19.04 -43.43 0.44
N VAL B 244 -18.76 -44.24 1.47
CA VAL B 244 -18.67 -45.69 1.26
C VAL B 244 -20.06 -46.29 1.05
N ILE B 245 -20.95 -46.10 2.01
CA ILE B 245 -22.28 -46.73 1.97
C ILE B 245 -23.12 -46.18 0.81
N PRO B 246 -23.23 -44.86 0.61
CA PRO B 246 -24.01 -44.39 -0.54
C PRO B 246 -23.48 -44.84 -1.87
N VAL B 247 -22.15 -44.88 -2.04
CA VAL B 247 -21.58 -45.33 -3.31
C VAL B 247 -21.83 -46.82 -3.49
N LEU B 248 -21.76 -47.60 -2.42
CA LEU B 248 -22.08 -49.03 -2.53
C LEU B 248 -23.53 -49.23 -2.93
N ILE B 249 -24.45 -48.47 -2.35
CA ILE B 249 -25.86 -48.58 -2.71
C ILE B 249 -26.06 -48.21 -4.17
N ILE B 250 -25.43 -47.11 -4.61
CA ILE B 250 -25.54 -46.69 -5.99
C ILE B 250 -25.00 -47.76 -6.93
N ILE B 251 -23.85 -48.35 -6.58
CA ILE B 251 -23.23 -49.37 -7.42
C ILE B 251 -24.14 -50.59 -7.53
N VAL B 252 -24.71 -51.03 -6.41
CA VAL B 252 -25.60 -52.20 -6.44
C VAL B 252 -26.82 -51.91 -7.30
N CYS B 253 -27.44 -50.75 -7.08
CA CYS B 253 -28.65 -50.40 -7.83
C CYS B 253 -28.37 -50.32 -9.32
N TYR B 254 -27.25 -49.69 -9.69
CA TYR B 254 -26.95 -49.53 -11.10
C TYR B 254 -26.48 -50.82 -11.75
N THR B 255 -25.82 -51.70 -11.00
CA THR B 255 -25.49 -53.02 -11.53
C THR B 255 -26.75 -53.80 -11.85
N LEU B 256 -27.71 -53.81 -10.92
CA LEU B 256 -28.97 -54.49 -11.19
C LEU B 256 -29.70 -53.86 -12.37
N MET B 257 -29.71 -52.51 -12.43
CA MET B 257 -30.38 -51.82 -13.51
C MET B 257 -29.76 -52.12 -14.86
N ILE B 258 -28.42 -52.14 -14.93
CA ILE B 258 -27.74 -52.43 -16.19
C ILE B 258 -27.96 -53.88 -16.59
N LEU B 259 -27.98 -54.79 -15.62
CA LEU B 259 -28.29 -56.19 -15.94
C LEU B 259 -29.68 -56.31 -16.54
N ARG B 260 -30.66 -55.65 -15.94
CA ARG B 260 -32.03 -55.71 -16.44
C ARG B 260 -32.14 -55.07 -17.82
N LEU B 261 -31.45 -53.94 -18.04
CA LEU B 261 -31.49 -53.30 -19.35
C LEU B 261 -30.86 -54.16 -20.42
N LYS B 262 -29.74 -54.81 -20.10
CA LYS B 262 -29.09 -55.70 -21.06
C LYS B 262 -29.97 -56.91 -21.37
N SER B 263 -30.64 -57.47 -20.36
CA SER B 263 -31.49 -58.62 -20.59
C SER B 263 -32.66 -58.27 -21.52
N VAL B 264 -33.26 -57.09 -21.33
CA VAL B 264 -34.39 -56.67 -22.14
C VAL B 264 -33.94 -55.78 -23.30
N ARG B 265 -32.62 -55.68 -23.53
CA ARG B 265 -32.12 -54.85 -24.62
C ARG B 265 -32.63 -55.34 -25.98
N LEU B 266 -32.62 -56.65 -26.19
CA LEU B 266 -33.08 -57.22 -27.45
C LEU B 266 -34.60 -57.34 -27.53
N LEU B 267 -35.31 -57.18 -26.41
CA LEU B 267 -36.76 -57.36 -26.35
C LEU B 267 -37.41 -56.20 -25.61
N SER B 268 -37.02 -54.97 -25.93
CA SER B 268 -37.60 -53.80 -25.28
C SER B 268 -39.06 -53.64 -25.67
N GLY B 269 -39.82 -52.99 -24.79
CA GLY B 269 -41.24 -52.79 -25.01
C GLY B 269 -41.57 -51.60 -25.90
N SER B 270 -42.52 -50.78 -25.46
CA SER B 270 -42.91 -49.60 -26.23
C SER B 270 -41.73 -48.66 -26.40
N ARG B 271 -41.51 -48.20 -27.63
CA ARG B 271 -40.31 -47.40 -27.91
C ARG B 271 -40.42 -45.99 -27.34
N GLU B 272 -41.61 -45.40 -27.32
CA GLU B 272 -41.76 -44.04 -26.81
C GLU B 272 -41.42 -43.97 -25.32
N LYS B 273 -41.92 -44.93 -24.54
CA LYS B 273 -41.63 -44.94 -23.11
C LYS B 273 -40.20 -45.39 -22.83
N ASP B 274 -39.71 -46.37 -23.60
CA ASP B 274 -38.35 -46.85 -23.42
C ASP B 274 -37.34 -45.75 -23.69
N ARG B 275 -37.59 -44.93 -24.70
CA ARG B 275 -36.68 -43.83 -25.01
C ARG B 275 -36.53 -42.90 -23.81
N ASN B 276 -37.66 -42.49 -23.23
CA ASN B 276 -37.62 -41.58 -22.08
C ASN B 276 -36.95 -42.24 -20.89
N LEU B 277 -37.25 -43.51 -20.63
CA LEU B 277 -36.66 -44.20 -19.49
C LEU B 277 -35.15 -44.29 -19.62
N ARG B 278 -34.65 -44.75 -20.78
CA ARG B 278 -33.21 -44.87 -20.96
C ARG B 278 -32.54 -43.50 -20.97
N ARG B 279 -33.18 -42.50 -21.56
CA ARG B 279 -32.62 -41.15 -21.56
C ARG B 279 -32.47 -40.57 -20.16
N ILE B 280 -33.47 -40.74 -19.30
CA ILE B 280 -33.36 -40.24 -17.94
C ILE B 280 -32.35 -41.04 -17.12
N THR B 281 -32.33 -42.36 -17.28
CA THR B 281 -31.35 -43.19 -16.60
C THR B 281 -29.91 -42.86 -16.99
N LYS B 282 -29.63 -42.64 -18.27
CA LYS B 282 -28.30 -42.28 -18.72
C LYS B 282 -27.91 -40.86 -18.32
N LEU B 283 -28.86 -40.05 -17.88
CA LEU B 283 -28.57 -38.74 -17.31
C LEU B 283 -28.21 -38.86 -15.83
N VAL B 284 -29.00 -39.64 -15.09
CA VAL B 284 -28.72 -39.86 -13.68
C VAL B 284 -27.37 -40.53 -13.53
N LEU B 285 -27.07 -41.48 -14.42
CA LEU B 285 -25.79 -42.17 -14.35
C LEU B 285 -24.62 -41.22 -14.56
N VAL B 286 -24.73 -40.30 -15.52
CA VAL B 286 -23.66 -39.36 -15.78
C VAL B 286 -23.51 -38.38 -14.63
N VAL B 287 -24.62 -37.95 -14.04
CA VAL B 287 -24.54 -37.04 -12.89
C VAL B 287 -23.82 -37.71 -11.73
N VAL B 288 -24.17 -38.97 -11.44
CA VAL B 288 -23.52 -39.69 -10.35
C VAL B 288 -22.05 -39.93 -10.66
N ALA B 289 -21.73 -40.30 -11.90
CA ALA B 289 -20.36 -40.57 -12.30
C ALA B 289 -19.53 -39.31 -12.44
N VAL B 290 -20.14 -38.13 -12.41
CA VAL B 290 -19.38 -36.89 -12.28
C VAL B 290 -19.17 -36.53 -10.82
N PHE B 291 -20.22 -36.68 -10.00
CA PHE B 291 -20.09 -36.42 -8.57
C PHE B 291 -18.97 -37.26 -7.97
N ILE B 292 -18.81 -38.50 -8.33
CA ILE B 292 -17.79 -39.40 -7.69
C ILE B 292 -16.48 -39.48 -8.46
N ILE B 293 -16.12 -38.54 -9.33
CA ILE B 293 -14.76 -38.52 -9.96
C ILE B 293 -14.26 -37.13 -9.58
N CYS B 294 -15.18 -36.31 -9.11
CA CYS B 294 -14.95 -34.92 -8.65
C CYS B 294 -14.74 -34.92 -7.13
N TRP B 295 -15.53 -35.71 -6.40
CA TRP B 295 -15.44 -35.74 -4.95
C TRP B 295 -14.58 -36.88 -4.43
N THR B 296 -13.92 -37.63 -5.29
CA THR B 296 -13.09 -38.75 -4.84
C THR B 296 -11.74 -38.29 -4.30
N PRO B 297 -10.98 -37.44 -5.00
CA PRO B 297 -9.65 -37.06 -4.49
C PRO B 297 -9.69 -36.39 -3.12
N ILE B 298 -10.70 -35.57 -2.83
CA ILE B 298 -10.71 -34.84 -1.57
C ILE B 298 -10.90 -35.80 -0.39
N HIS B 299 -11.83 -36.76 -0.53
CA HIS B 299 -12.04 -37.73 0.55
C HIS B 299 -10.79 -38.55 0.79
N ILE B 300 -10.16 -39.05 -0.27
CA ILE B 300 -8.98 -39.89 -0.14
C ILE B 300 -7.84 -39.10 0.48
N PHE B 301 -7.64 -37.87 0.03
CA PHE B 301 -6.56 -37.05 0.57
C PHE B 301 -6.78 -36.77 2.05
N ILE B 302 -8.01 -36.41 2.43
CA ILE B 302 -8.29 -36.11 3.83
C ILE B 302 -8.07 -37.34 4.70
N LEU B 303 -8.54 -38.50 4.25
CA LEU B 303 -8.35 -39.71 5.05
C LEU B 303 -6.89 -40.09 5.16
N VAL B 304 -6.13 -40.00 4.06
CA VAL B 304 -4.73 -40.39 4.11
C VAL B 304 -3.91 -39.38 4.92
N GLU B 305 -4.38 -38.13 5.01
CA GLU B 305 -3.71 -37.16 5.87
C GLU B 305 -4.03 -37.43 7.34
N ALA B 306 -5.28 -37.77 7.64
CA ALA B 306 -5.64 -38.09 9.02
C ALA B 306 -4.92 -39.34 9.51
N LEU B 307 -4.79 -40.34 8.65
CA LEU B 307 -4.15 -41.60 9.03
C LEU B 307 -2.63 -41.52 8.89
N GLY B 308 -2.15 -41.22 7.70
CA GLY B 308 -0.72 -41.13 7.45
C GLY B 308 -0.10 -39.84 7.96
N ALA B 315 4.55 -30.01 -2.42
CA ALA B 315 3.73 -30.63 -3.46
C ALA B 315 2.40 -31.10 -2.89
N ALA B 316 2.39 -31.46 -1.60
CA ALA B 316 1.15 -31.87 -0.95
C ALA B 316 0.16 -30.72 -0.88
N LEU B 317 0.66 -29.51 -0.57
CA LEU B 317 -0.24 -28.35 -0.49
C LEU B 317 -0.85 -28.03 -1.86
N SER B 318 -0.06 -28.14 -2.93
CA SER B 318 -0.58 -27.91 -4.26
C SER B 318 -1.64 -28.94 -4.61
N SER B 319 -1.42 -30.21 -4.24
CA SER B 319 -2.43 -31.23 -4.47
C SER B 319 -3.65 -31.01 -3.57
N TYR B 320 -3.43 -30.47 -2.37
CA TYR B 320 -4.55 -30.20 -1.47
C TYR B 320 -5.51 -29.18 -2.06
N TYR B 321 -4.97 -28.09 -2.62
CA TYR B 321 -5.83 -27.05 -3.15
C TYR B 321 -6.44 -27.43 -4.49
N PHE B 322 -5.78 -28.32 -5.25
CA PHE B 322 -6.40 -28.82 -6.48
C PHE B 322 -7.59 -29.71 -6.15
N CYS B 323 -7.46 -30.58 -5.16
CA CYS B 323 -8.57 -31.45 -4.78
C CYS B 323 -9.76 -30.64 -4.28
N ILE B 324 -9.50 -29.60 -3.50
CA ILE B 324 -10.58 -28.73 -3.03
C ILE B 324 -11.25 -28.04 -4.21
N ALA B 325 -10.44 -27.51 -5.13
CA ALA B 325 -10.99 -26.79 -6.27
C ALA B 325 -11.80 -27.70 -7.17
N LEU B 326 -11.33 -28.94 -7.39
CA LEU B 326 -12.09 -29.87 -8.21
C LEU B 326 -13.43 -30.23 -7.56
N GLY B 327 -13.44 -30.42 -6.25
CA GLY B 327 -14.68 -30.76 -5.57
C GLY B 327 -15.70 -29.64 -5.61
N TYR B 328 -15.23 -28.39 -5.54
CA TYR B 328 -16.14 -27.26 -5.64
C TYR B 328 -16.62 -27.05 -7.07
N THR B 329 -15.81 -27.43 -8.06
CA THR B 329 -16.20 -27.28 -9.46
C THR B 329 -17.46 -28.07 -9.77
N ASN B 330 -17.70 -29.16 -9.04
CA ASN B 330 -18.87 -30.00 -9.30
C ASN B 330 -20.18 -29.24 -9.16
N SER B 331 -20.18 -28.13 -8.44
CA SER B 331 -21.39 -27.32 -8.30
C SER B 331 -21.74 -26.56 -9.58
N SER B 332 -20.86 -26.56 -10.59
CA SER B 332 -21.09 -25.81 -11.81
C SER B 332 -21.39 -26.69 -13.02
N LEU B 333 -20.97 -27.95 -13.00
CA LEU B 333 -21.13 -28.84 -14.16
C LEU B 333 -22.52 -29.43 -14.30
N ASN B 334 -23.32 -29.39 -13.24
CA ASN B 334 -24.65 -30.00 -13.28
C ASN B 334 -25.58 -29.30 -14.26
N PRO B 335 -25.70 -27.96 -14.26
CA PRO B 335 -26.54 -27.32 -15.28
C PRO B 335 -26.10 -27.60 -16.69
N VAL B 336 -24.79 -27.64 -16.95
CA VAL B 336 -24.29 -27.99 -18.27
C VAL B 336 -24.67 -29.43 -18.65
N LEU B 337 -24.54 -30.37 -17.72
CA LEU B 337 -24.94 -31.75 -17.99
C LEU B 337 -26.42 -31.86 -18.29
N TYR B 338 -27.25 -31.15 -17.52
CA TYR B 338 -28.69 -31.17 -17.77
C TYR B 338 -29.01 -30.59 -19.13
N ALA B 339 -28.34 -29.49 -19.49
CA ALA B 339 -28.60 -28.87 -20.79
C ALA B 339 -28.18 -29.80 -21.93
N PHE B 340 -27.05 -30.48 -21.78
CA PHE B 340 -26.56 -31.31 -22.88
C PHE B 340 -27.36 -32.60 -23.01
N LEU B 341 -27.71 -33.24 -21.89
CA LEU B 341 -28.27 -34.59 -21.95
C LEU B 341 -29.80 -34.60 -21.94
N ASP B 342 -30.44 -33.74 -21.16
CA ASP B 342 -31.89 -33.73 -21.05
C ASP B 342 -32.48 -32.80 -22.11
N GLU B 343 -33.27 -33.36 -23.02
CA GLU B 343 -33.84 -32.56 -24.10
C GLU B 343 -34.82 -31.52 -23.57
N ASN B 344 -35.65 -31.91 -22.58
CA ASN B 344 -36.59 -30.95 -22.01
C ASN B 344 -35.86 -29.79 -21.34
N PHE B 345 -34.79 -30.09 -20.61
CA PHE B 345 -34.01 -29.03 -19.98
C PHE B 345 -33.37 -28.12 -21.02
N LYS B 346 -32.86 -28.71 -22.12
CA LYS B 346 -32.27 -27.90 -23.18
C LYS B 346 -33.31 -26.98 -23.81
N ARG B 347 -34.51 -27.51 -24.07
CA ARG B 347 -35.57 -26.69 -24.65
C ARG B 347 -35.97 -25.56 -23.71
N CYS B 348 -36.09 -25.87 -22.42
CA CYS B 348 -36.44 -24.82 -21.46
C CYS B 348 -35.36 -23.76 -21.38
N PHE B 349 -34.08 -24.18 -21.39
CA PHE B 349 -32.99 -23.21 -21.37
C PHE B 349 -33.01 -22.32 -22.59
N ARG B 350 -33.21 -22.91 -23.78
CA ARG B 350 -33.26 -22.11 -25.00
C ARG B 350 -34.43 -21.15 -24.99
N ASP B 351 -35.61 -21.61 -24.53
CA ASP B 351 -36.78 -20.74 -24.49
C ASP B 351 -36.58 -19.58 -23.52
N PHE B 352 -35.96 -19.85 -22.38
CA PHE B 352 -35.78 -18.80 -21.38
C PHE B 352 -34.69 -17.81 -21.80
N CYS B 353 -33.60 -18.30 -22.37
CA CYS B 353 -32.53 -17.40 -22.80
C CYS B 353 -32.96 -16.53 -23.97
N PHE B 354 -33.56 -17.15 -25.00
CA PHE B 354 -33.96 -16.45 -26.22
C PHE B 354 -35.42 -16.76 -26.51
N PRO B 355 -36.35 -16.02 -25.88
CA PRO B 355 -37.79 -16.25 -26.09
C PRO B 355 -38.27 -15.76 -27.45
N ARG C 2 14.21 18.37 -3.86
CA ARG C 2 14.47 19.72 -4.33
C ARG C 2 15.95 20.06 -4.28
N GLN C 3 16.35 21.08 -5.03
CA GLN C 3 17.74 21.52 -5.10
C GLN C 3 17.84 22.95 -4.61
N LEU C 4 18.80 23.20 -3.72
CA LEU C 4 19.06 24.53 -3.19
C LEU C 4 20.31 25.11 -3.83
N VAL C 5 20.19 26.30 -4.38
CA VAL C 5 21.27 26.96 -5.13
C VAL C 5 21.59 28.28 -4.45
N GLU C 6 22.87 28.53 -4.20
CA GLU C 6 23.34 29.78 -3.65
C GLU C 6 24.32 30.44 -4.61
N SER C 7 24.45 31.76 -4.48
CA SER C 7 25.34 32.53 -5.32
C SER C 7 25.68 33.82 -4.57
N GLY C 8 26.28 34.78 -5.28
CA GLY C 8 26.64 36.04 -4.68
C GLY C 8 27.91 36.03 -3.87
N GLY C 9 28.71 34.97 -3.95
CA GLY C 9 29.98 34.90 -3.24
C GLY C 9 31.12 35.36 -4.14
N GLY C 10 31.82 36.38 -3.69
CA GLY C 10 32.93 36.93 -4.45
C GLY C 10 33.85 37.74 -3.56
N LEU C 11 35.06 37.95 -4.06
CA LEU C 11 36.04 38.74 -3.32
C LEU C 11 35.63 40.20 -3.32
N VAL C 12 35.50 40.78 -2.12
CA VAL C 12 34.99 42.13 -1.95
C VAL C 12 35.95 42.92 -1.07
N GLN C 13 36.27 44.14 -1.49
CA GLN C 13 37.07 45.03 -0.67
C GLN C 13 36.28 45.45 0.57
N PRO C 14 36.96 45.82 1.65
CA PRO C 14 36.24 46.22 2.87
C PRO C 14 35.35 47.43 2.64
N GLY C 15 34.19 47.42 3.28
CA GLY C 15 33.22 48.48 3.12
C GLY C 15 32.30 48.34 1.92
N GLY C 16 32.44 47.26 1.14
CA GLY C 16 31.64 47.07 -0.04
C GLY C 16 30.26 46.53 0.26
N SER C 17 29.55 46.18 -0.81
CA SER C 17 28.19 45.65 -0.71
C SER C 17 28.06 44.38 -1.54
N LEU C 18 27.29 43.42 -1.03
CA LEU C 18 27.04 42.17 -1.72
C LEU C 18 25.57 41.81 -1.61
N ARG C 19 25.10 41.02 -2.58
CA ARG C 19 23.71 40.56 -2.62
C ARG C 19 23.71 39.06 -2.90
N LEU C 20 23.35 38.27 -1.89
CA LEU C 20 23.30 36.82 -2.03
C LEU C 20 22.02 36.41 -2.75
N SER C 21 21.89 35.11 -3.01
CA SER C 21 20.71 34.59 -3.69
C SER C 21 20.59 33.10 -3.41
N CYS C 22 19.55 32.71 -2.68
CA CYS C 22 19.25 31.31 -2.42
C CYS C 22 17.88 30.98 -3.01
N ALA C 23 17.84 30.00 -3.90
CA ALA C 23 16.61 29.63 -4.60
C ALA C 23 16.45 28.11 -4.59
N ALA C 24 15.20 27.67 -4.69
CA ALA C 24 14.87 26.26 -4.73
C ALA C 24 13.81 26.01 -5.80
N SER C 25 13.78 24.78 -6.30
CA SER C 25 12.82 24.40 -7.33
C SER C 25 12.42 22.93 -7.20
N PHE C 29 5.92 22.20 -2.35
CA PHE C 29 6.12 23.06 -3.52
C PHE C 29 6.30 24.52 -3.15
N ARG C 30 6.61 24.82 -1.89
CA ARG C 30 6.65 26.22 -1.46
C ARG C 30 7.45 26.31 -0.17
N LEU C 31 8.04 27.47 0.07
CA LEU C 31 9.09 27.64 1.07
C LEU C 31 8.54 28.33 2.31
N TYR C 32 8.94 27.93 3.50
CA TYR C 32 8.24 28.52 4.66
C TYR C 32 9.16 29.36 5.47
N ASP C 33 10.22 28.75 5.98
CA ASP C 33 11.14 29.60 6.72
C ASP C 33 12.53 29.48 6.11
N MET C 34 13.13 30.62 5.82
CA MET C 34 14.29 30.71 4.95
C MET C 34 15.31 31.63 5.61
N GLY C 35 16.32 31.03 6.23
CA GLY C 35 17.27 31.75 7.06
C GLY C 35 18.65 31.80 6.42
N TRP C 36 19.56 32.52 7.07
CA TRP C 36 20.92 32.75 6.58
C TRP C 36 21.87 32.55 7.73
N PHE C 37 22.83 31.64 7.57
CA PHE C 37 23.76 31.26 8.62
C PHE C 37 25.19 31.43 8.14
N ARG C 38 26.04 31.97 9.01
CA ARG C 38 27.45 32.20 8.72
C ARG C 38 28.30 31.28 9.58
N GLN C 39 29.40 30.78 9.00
CA GLN C 39 30.31 29.86 9.70
C GLN C 39 31.75 30.28 9.42
N ALA C 40 32.37 30.92 10.40
CA ALA C 40 33.77 31.27 10.32
C ALA C 40 34.64 30.04 10.58
N PRO C 41 35.88 30.03 10.08
CA PRO C 41 36.75 28.87 10.35
C PRO C 41 36.99 28.63 11.83
N GLY C 42 37.08 29.69 12.64
CA GLY C 42 37.34 29.53 14.05
C GLY C 42 36.14 29.79 14.93
N LYS C 43 34.94 29.72 14.36
CA LYS C 43 33.72 30.00 15.10
C LYS C 43 32.66 28.98 14.76
N GLU C 44 31.71 28.81 15.68
CA GLU C 44 30.58 27.92 15.47
C GLU C 44 29.56 28.57 14.54
N ARG C 45 28.63 27.76 14.04
CA ARG C 45 27.58 28.27 13.17
C ARG C 45 26.71 29.27 13.91
N GLU C 46 26.44 30.41 13.26
CA GLU C 46 25.65 31.48 13.86
C GLU C 46 24.69 32.03 12.82
N GLY C 47 23.44 32.21 13.20
CA GLY C 47 22.46 32.79 12.30
C GLY C 47 22.51 34.31 12.33
N VAL C 48 22.32 34.90 11.15
CA VAL C 48 22.33 36.35 11.02
C VAL C 48 20.95 36.92 10.69
N ALA C 49 20.14 36.22 9.91
CA ALA C 49 18.83 36.71 9.53
C ALA C 49 17.86 35.54 9.43
N SER C 50 16.59 35.84 9.59
CA SER C 50 15.53 34.83 9.50
C SER C 50 14.23 35.54 9.19
N ILE C 51 13.68 35.31 7.99
CA ILE C 51 12.47 35.96 7.54
C ILE C 51 11.37 34.91 7.38
N THR C 52 10.20 35.21 7.93
CA THR C 52 9.05 34.32 7.81
C THR C 52 8.27 34.64 6.54
N SER C 53 7.14 33.97 6.36
CA SER C 53 6.33 34.20 5.17
C SER C 53 5.70 35.60 5.18
N GLY C 54 5.23 36.04 6.35
CA GLY C 54 4.55 37.32 6.45
C GLY C 54 5.45 38.53 6.32
N GLY C 55 6.76 38.33 6.25
CA GLY C 55 7.70 39.42 6.17
C GLY C 55 8.39 39.77 7.47
N SER C 56 8.07 39.09 8.56
CA SER C 56 8.73 39.35 9.83
C SER C 56 10.20 38.96 9.72
N THR C 57 11.08 39.86 10.17
CA THR C 57 12.52 39.68 10.07
C THR C 57 13.16 39.74 11.44
N LYS C 58 14.14 38.87 11.67
CA LYS C 58 14.92 38.87 12.89
C LYS C 58 16.40 38.97 12.53
N TYR C 59 17.14 39.77 13.30
CA TYR C 59 18.55 40.01 13.02
C TYR C 59 19.37 39.73 14.27
N ALA C 60 20.63 39.34 14.05
CA ALA C 60 21.56 39.15 15.15
C ALA C 60 22.05 40.50 15.67
N ASP C 61 22.69 40.46 16.84
CA ASP C 61 23.16 41.69 17.47
C ASP C 61 24.22 42.39 16.61
N SER C 62 25.18 41.62 16.09
CA SER C 62 26.20 42.21 15.24
C SER C 62 25.64 42.59 13.87
N VAL C 63 24.66 41.82 13.39
CA VAL C 63 24.10 42.05 12.06
C VAL C 63 23.11 43.21 12.01
N LYS C 64 22.63 43.66 13.16
CA LYS C 64 21.59 44.69 13.19
C LYS C 64 22.12 46.03 12.69
N GLY C 65 21.30 46.71 11.88
CA GLY C 65 21.61 48.02 11.37
C GLY C 65 22.40 48.03 10.08
N ARG C 66 22.87 46.88 9.61
CA ARG C 66 23.62 46.80 8.37
C ARG C 66 23.14 45.74 7.39
N PHE C 67 22.37 44.75 7.85
CA PHE C 67 21.99 43.62 7.02
C PHE C 67 20.51 43.72 6.71
N THR C 68 20.15 43.56 5.44
CA THR C 68 18.76 43.68 4.99
C THR C 68 18.38 42.41 4.23
N ILE C 69 17.25 41.82 4.59
CA ILE C 69 16.78 40.58 4.00
C ILE C 69 15.28 40.71 3.70
N SER C 70 14.87 40.19 2.55
CA SER C 70 13.46 40.18 2.16
C SER C 70 13.15 38.89 1.42
N ARG C 71 11.88 38.53 1.40
CA ARG C 71 11.43 37.29 0.77
C ARG C 71 10.58 37.58 -0.45
N ASP C 72 10.90 36.92 -1.55
CA ASP C 72 10.13 37.02 -2.79
C ASP C 72 9.24 35.78 -2.90
N ASN C 73 7.95 35.95 -2.62
CA ASN C 73 7.03 34.81 -2.62
C ASN C 73 6.74 34.31 -4.03
N ALA C 74 6.91 35.15 -5.06
CA ALA C 74 6.62 34.72 -6.42
C ALA C 74 7.60 33.65 -6.88
N LYS C 75 8.90 33.89 -6.71
CA LYS C 75 9.94 33.00 -7.20
C LYS C 75 10.55 32.13 -6.10
N ASN C 76 10.12 32.31 -4.85
CA ASN C 76 10.64 31.54 -3.71
C ASN C 76 12.16 31.67 -3.61
N THR C 77 12.65 32.91 -3.67
CA THR C 77 14.07 33.21 -3.66
C THR C 77 14.32 34.35 -2.67
N VAL C 78 15.49 34.33 -2.05
CA VAL C 78 15.89 35.34 -1.08
C VAL C 78 17.16 36.03 -1.58
N TYR C 79 17.22 37.35 -1.38
CA TYR C 79 18.46 38.07 -1.46
C TYR C 79 18.68 38.78 -0.13
N LEU C 80 19.91 38.69 0.37
CA LEU C 80 20.30 39.37 1.60
C LEU C 80 21.48 40.29 1.29
N GLN C 81 21.34 41.55 1.68
CA GLN C 81 22.22 42.62 1.22
C GLN C 81 23.30 42.91 2.25
N MET C 82 24.56 42.78 1.83
CA MET C 82 25.70 43.18 2.62
C MET C 82 25.91 44.68 2.55
N ASN C 83 25.98 45.32 3.71
CA ASN C 83 26.33 46.72 3.83
C ASN C 83 27.45 46.88 4.84
N SER C 84 28.43 47.71 4.50
CA SER C 84 29.60 47.96 5.33
C SER C 84 30.31 46.65 5.69
N LEU C 85 30.76 45.95 4.64
CA LEU C 85 31.46 44.69 4.82
C LEU C 85 32.80 44.91 5.50
N GLU C 86 33.13 44.03 6.44
CA GLU C 86 34.34 44.09 7.22
C GLU C 86 35.03 42.73 7.22
N PRO C 87 36.34 42.70 7.45
CA PRO C 87 37.04 41.41 7.52
C PRO C 87 36.52 40.49 8.62
N GLU C 88 35.88 41.04 9.65
CA GLU C 88 35.27 40.20 10.68
C GLU C 88 34.09 39.40 10.17
N ASP C 89 33.57 39.72 8.99
CA ASP C 89 32.48 38.99 8.36
C ASP C 89 32.97 37.88 7.43
N THR C 90 34.27 37.63 7.39
CA THR C 90 34.84 36.59 6.53
C THR C 90 34.37 35.24 7.03
N ALA C 91 33.49 34.60 6.28
CA ALA C 91 32.94 33.30 6.64
C ALA C 91 32.22 32.72 5.42
N VAL C 92 31.55 31.59 5.61
CA VAL C 92 30.75 30.96 4.58
C VAL C 92 29.29 31.06 4.98
N TYR C 93 28.44 31.56 4.09
CA TYR C 93 27.03 31.80 4.38
C TYR C 93 26.20 30.62 3.88
N TYR C 94 25.50 29.97 4.80
CA TYR C 94 24.67 28.81 4.50
C TYR C 94 23.20 29.18 4.54
N CYS C 95 22.44 28.63 3.60
CA CYS C 95 21.02 28.94 3.43
C CYS C 95 20.20 27.83 4.08
N ASN C 96 19.64 28.12 5.25
CA ASN C 96 18.74 27.20 5.93
C ASN C 96 17.31 27.49 5.52
N ALA C 97 16.63 26.49 4.99
CA ALA C 97 15.32 26.68 4.39
C ALA C 97 14.35 25.61 4.89
N GLU C 98 13.14 26.04 5.22
CA GLU C 98 12.05 25.13 5.57
C GLU C 98 11.08 25.08 4.41
N TYR C 99 10.77 23.87 3.94
CA TYR C 99 9.94 23.71 2.75
C TYR C 99 9.12 22.45 2.86
N ARG C 100 8.08 22.38 2.02
CA ARG C 100 7.21 21.21 1.92
C ARG C 100 7.33 20.63 0.52
N THR C 101 7.58 19.33 0.45
CA THR C 101 7.74 18.68 -0.85
C THR C 101 6.46 18.77 -1.68
N GLY C 102 5.31 18.54 -1.06
CA GLY C 102 4.03 18.65 -1.72
C GLY C 102 2.95 19.00 -0.72
N ILE C 103 1.83 19.51 -1.25
CA ILE C 103 0.75 19.99 -0.38
C ILE C 103 0.29 18.88 0.56
N TRP C 104 0.39 17.62 0.12
CA TRP C 104 0.08 16.48 0.97
C TRP C 104 1.35 15.75 1.43
N GLU C 105 2.42 16.50 1.70
CA GLU C 105 3.69 15.93 2.14
C GLU C 105 4.16 16.61 3.42
N GLU C 106 5.10 15.97 4.10
CA GLU C 106 5.59 16.47 5.37
C GLU C 106 6.44 17.71 5.20
N LEU C 107 6.59 18.47 6.28
CA LEU C 107 7.46 19.64 6.28
C LEU C 107 8.91 19.19 6.47
N LEU C 108 9.81 19.72 5.65
CA LEU C 108 11.21 19.34 5.67
C LEU C 108 12.09 20.58 5.72
N ASP C 109 13.31 20.39 6.23
CA ASP C 109 14.30 21.45 6.32
C ASP C 109 15.34 21.27 5.23
N GLY C 110 15.59 22.32 4.46
CA GLY C 110 16.55 22.29 3.38
C GLY C 110 17.79 23.11 3.74
N TRP C 111 18.96 22.52 3.53
CA TRP C 111 20.24 23.16 3.77
C TRP C 111 20.95 23.39 2.45
N GLY C 112 21.33 24.65 2.21
CA GLY C 112 22.05 24.98 1.00
C GLY C 112 23.48 24.47 1.01
N LYS C 113 24.10 24.48 -0.17
CA LYS C 113 25.46 24.00 -0.29
C LYS C 113 26.44 24.91 0.43
N GLY C 114 26.15 26.22 0.49
CA GLY C 114 27.03 27.16 1.14
C GLY C 114 27.89 27.94 0.16
N THR C 115 28.03 29.25 0.40
CA THR C 115 28.86 30.04 -0.48
C THR C 115 29.95 30.75 0.30
N PRO C 116 31.17 30.81 -0.22
CA PRO C 116 32.26 31.48 0.50
C PRO C 116 32.34 32.96 0.21
N VAL C 117 32.50 33.77 1.26
CA VAL C 117 32.59 35.23 1.13
C VAL C 117 33.75 35.71 1.98
N THR C 118 34.66 36.47 1.37
CA THR C 118 35.80 37.06 2.08
C THR C 118 35.86 38.55 1.79
N VAL C 119 35.98 39.34 2.85
CA VAL C 119 36.10 40.80 2.74
C VAL C 119 37.59 41.12 2.71
N SER C 120 38.17 41.09 1.52
CA SER C 120 39.59 41.38 1.36
C SER C 120 39.84 41.84 -0.06
N SER C 121 40.99 42.49 -0.25
CA SER C 121 41.38 42.99 -1.57
C SER C 121 42.89 43.22 -1.64
N VAL D 5 36.54 22.01 21.10
CA VAL D 5 36.79 21.03 20.05
C VAL D 5 38.13 20.33 20.30
N GLN D 6 38.07 19.01 20.52
CA GLN D 6 39.25 18.21 20.77
C GLN D 6 39.30 17.06 19.78
N LEU D 7 40.50 16.71 19.33
CA LEU D 7 40.71 15.62 18.38
C LEU D 7 41.73 14.65 18.94
N VAL D 8 41.40 13.36 18.88
CA VAL D 8 42.27 12.29 19.37
C VAL D 8 42.47 11.28 18.24
N GLU D 9 43.72 10.88 18.02
CA GLU D 9 44.05 9.87 17.02
C GLU D 9 44.69 8.67 17.71
N SER D 10 44.38 7.47 17.23
CA SER D 10 44.83 6.24 17.86
C SER D 10 44.92 5.14 16.83
N GLY D 11 45.59 4.05 17.22
CA GLY D 11 45.71 2.87 16.38
C GLY D 11 47.07 2.67 15.74
N GLY D 12 48.04 3.52 16.05
CA GLY D 12 49.36 3.40 15.45
C GLY D 12 50.26 2.48 16.25
N GLY D 13 50.87 1.52 15.56
CA GLY D 13 51.75 0.56 16.20
C GLY D 13 52.78 0.05 15.22
N LEU D 14 53.64 -0.84 15.71
CA LEU D 14 54.69 -1.41 14.87
C LEU D 14 54.08 -2.39 13.87
N VAL D 15 54.29 -2.10 12.58
CA VAL D 15 53.76 -2.93 11.50
C VAL D 15 54.91 -3.32 10.59
N GLN D 16 54.99 -4.62 10.26
CA GLN D 16 55.96 -5.10 9.31
C GLN D 16 55.61 -4.64 7.90
N PRO D 17 56.61 -4.54 7.01
CA PRO D 17 56.31 -4.14 5.63
C PRO D 17 55.34 -5.10 4.97
N GLY D 18 54.43 -4.55 4.19
CA GLY D 18 53.37 -5.32 3.57
C GLY D 18 52.19 -5.62 4.48
N GLY D 19 52.18 -5.11 5.70
CA GLY D 19 51.11 -5.35 6.64
C GLY D 19 49.95 -4.39 6.48
N SER D 20 49.00 -4.48 7.40
CA SER D 20 47.81 -3.66 7.40
C SER D 20 47.58 -3.07 8.78
N LEU D 21 47.00 -1.87 8.81
CA LEU D 21 46.71 -1.19 10.08
C LEU D 21 45.46 -0.33 9.90
N ARG D 22 44.84 0.03 11.02
CA ARG D 22 43.65 0.85 11.03
C ARG D 22 43.84 2.02 11.99
N LEU D 23 43.52 3.23 11.53
CA LEU D 23 43.62 4.43 12.34
C LEU D 23 42.22 4.98 12.59
N SER D 24 41.97 5.39 13.84
CA SER D 24 40.68 5.92 14.25
C SER D 24 40.87 7.32 14.85
N CYS D 25 39.96 8.22 14.52
CA CYS D 25 39.98 9.58 15.02
C CYS D 25 38.74 9.84 15.86
N ALA D 26 38.91 10.55 16.97
CA ALA D 26 37.82 10.86 17.89
C ALA D 26 37.35 12.29 17.66
N ALA D 27 36.05 12.45 17.44
CA ALA D 27 35.44 13.75 17.21
C ALA D 27 34.58 14.12 18.41
N SER D 28 34.79 15.32 18.94
CA SER D 28 34.03 15.79 20.09
C SER D 28 33.99 17.32 20.07
N GLY D 29 32.85 17.87 20.45
CA GLY D 29 32.67 19.31 20.55
C GLY D 29 32.05 19.98 19.36
N PHE D 30 31.53 19.23 18.39
CA PHE D 30 30.93 19.84 17.21
C PHE D 30 30.01 18.82 16.55
N ASN D 31 29.17 19.31 15.65
CA ASN D 31 28.31 18.46 14.84
C ASN D 31 29.16 17.82 13.74
N PHE D 32 29.28 16.49 13.77
CA PHE D 32 30.09 15.80 12.77
C PHE D 32 29.51 15.90 11.37
N SER D 33 28.20 16.11 11.25
CA SER D 33 27.58 16.15 9.93
C SER D 33 27.96 17.42 9.17
N TYR D 34 28.38 18.46 9.87
CA TYR D 34 28.64 19.77 9.26
C TYR D 34 30.11 20.00 8.94
N TYR D 35 30.97 19.01 9.16
CA TYR D 35 32.40 19.16 8.95
C TYR D 35 32.97 17.90 8.30
N SER D 36 34.08 18.08 7.59
CA SER D 36 34.81 16.97 6.99
C SER D 36 36.12 16.76 7.74
N ILE D 37 36.59 15.52 7.73
CA ILE D 37 37.82 15.14 8.42
C ILE D 37 38.86 14.72 7.39
N HIS D 38 40.11 15.12 7.63
CA HIS D 38 41.21 14.83 6.73
C HIS D 38 42.39 14.26 7.51
N TRP D 39 43.18 13.44 6.82
CA TRP D 39 44.37 12.82 7.39
C TRP D 39 45.59 13.40 6.69
N VAL D 40 46.57 13.85 7.49
CA VAL D 40 47.80 14.43 6.97
C VAL D 40 48.96 13.80 7.72
N ARG D 41 49.97 13.34 6.98
CA ARG D 41 51.16 12.74 7.58
C ARG D 41 52.36 13.63 7.34
N GLN D 42 53.33 13.55 8.25
CA GLN D 42 54.61 14.21 8.12
C GLN D 42 55.70 13.19 8.37
N ALA D 43 56.40 12.79 7.31
CA ALA D 43 57.53 11.90 7.47
C ALA D 43 58.62 12.59 8.27
N PRO D 44 59.33 11.87 9.14
CA PRO D 44 60.39 12.51 9.93
C PRO D 44 61.45 13.14 9.03
N GLY D 45 61.84 14.36 9.37
CA GLY D 45 62.74 15.12 8.51
C GLY D 45 62.17 15.42 7.15
N LYS D 46 60.89 15.75 7.07
CA LYS D 46 60.23 16.03 5.80
C LYS D 46 59.02 16.91 6.05
N GLY D 47 58.51 17.49 4.96
CA GLY D 47 57.37 18.38 5.04
C GLY D 47 56.06 17.64 5.15
N LEU D 48 55.00 18.42 5.37
CA LEU D 48 53.65 17.85 5.52
C LEU D 48 53.12 17.40 4.16
N GLU D 49 52.23 16.41 4.18
CA GLU D 49 51.64 15.89 2.95
C GLU D 49 50.29 15.27 3.27
N TRP D 50 49.31 15.53 2.41
CA TRP D 50 47.95 15.07 2.63
C TRP D 50 47.87 13.57 2.45
N VAL D 51 46.96 12.92 3.19
CA VAL D 51 46.67 11.49 3.03
C VAL D 51 45.36 11.29 2.29
N ALA D 52 44.24 11.70 2.89
CA ALA D 52 42.91 11.47 2.35
C ALA D 52 41.90 12.21 3.21
N TYR D 53 40.67 12.33 2.70
CA TYR D 53 39.62 13.04 3.42
C TYR D 53 38.32 12.24 3.32
N ILE D 54 37.44 12.46 4.29
CA ILE D 54 36.15 11.79 4.32
C ILE D 54 35.02 12.79 4.11
N TYR D 60 31.84 11.52 -0.81
CA TYR D 60 32.80 12.60 -0.68
C TYR D 60 34.14 12.11 -0.14
N THR D 61 34.91 11.43 -1.00
CA THR D 61 36.22 10.94 -0.64
C THR D 61 37.20 11.23 -1.77
N SER D 62 38.48 11.32 -1.42
CA SER D 62 39.54 11.52 -2.41
C SER D 62 40.84 10.98 -1.86
N TYR D 63 41.77 10.69 -2.77
CA TYR D 63 43.08 10.18 -2.41
C TYR D 63 44.14 10.82 -3.28
N ALA D 64 45.36 10.90 -2.75
CA ALA D 64 46.47 11.45 -3.51
C ALA D 64 46.99 10.43 -4.52
N ASP D 65 47.62 10.93 -5.58
CA ASP D 65 48.16 10.09 -6.62
C ASP D 65 49.35 9.27 -6.11
N VAL D 67 49.01 7.32 -3.64
CA VAL D 67 48.26 6.80 -2.50
C VAL D 67 46.90 6.27 -2.95
N LYS D 68 46.48 6.66 -4.14
CA LYS D 68 45.20 6.22 -4.67
C LYS D 68 45.19 4.70 -4.85
N GLY D 69 44.08 4.08 -4.51
CA GLY D 69 43.98 2.62 -4.56
C GLY D 69 44.63 1.91 -3.39
N ARG D 70 45.87 2.27 -3.07
CA ARG D 70 46.53 1.71 -1.90
C ARG D 70 45.90 2.19 -0.60
N PHE D 71 45.13 3.26 -0.63
CA PHE D 71 44.54 3.87 0.55
C PHE D 71 43.02 3.83 0.46
N THR D 72 42.38 3.57 1.59
CA THR D 72 40.92 3.60 1.68
C THR D 72 40.52 4.29 2.98
N ILE D 73 39.55 5.20 2.88
CA ILE D 73 39.10 6.01 4.02
C ILE D 73 37.60 5.81 4.20
N SER D 74 37.15 5.87 5.45
CA SER D 74 35.75 5.73 5.77
C SER D 74 35.45 6.51 7.05
N ALA D 75 34.17 6.83 7.23
CA ALA D 75 33.72 7.59 8.40
C ALA D 75 32.47 6.95 8.97
N ASP D 76 32.27 7.14 10.26
CA ASP D 76 31.10 6.61 10.95
C ASP D 76 30.10 7.70 11.28
N ASN D 80 30.43 9.10 14.66
CA ASN D 80 31.29 10.27 14.85
C ASN D 80 32.76 9.87 14.90
N THR D 81 33.12 8.87 14.10
CA THR D 81 34.50 8.38 14.04
C THR D 81 34.92 8.22 12.59
N ALA D 82 36.22 8.36 12.35
CA ALA D 82 36.80 8.23 11.01
C ALA D 82 37.81 7.09 11.03
N TYR D 83 37.71 6.19 10.04
CA TYR D 83 38.56 5.02 9.94
C TYR D 83 39.33 5.07 8.62
N LEU D 84 40.63 4.81 8.68
CA LEU D 84 41.50 4.76 7.52
C LEU D 84 41.97 3.32 7.33
N GLN D 85 41.84 2.81 6.11
CA GLN D 85 42.17 1.42 5.80
C GLN D 85 43.54 1.35 5.13
N MET D 86 44.43 0.55 5.70
CA MET D 86 45.77 0.32 5.16
C MET D 86 45.85 -1.09 4.62
N ASN D 87 46.41 -1.24 3.42
CA ASN D 87 46.63 -2.54 2.81
C ASN D 87 47.98 -2.55 2.10
N SER D 88 48.79 -3.56 2.39
CA SER D 88 50.12 -3.71 1.80
C SER D 88 50.98 -2.48 2.05
N LEU D 89 51.27 -2.24 3.32
CA LEU D 89 52.04 -1.07 3.71
C LEU D 89 53.46 -1.12 3.12
N ARG D 90 53.97 0.04 2.75
CA ARG D 90 55.31 0.16 2.19
C ARG D 90 56.29 0.67 3.23
N ALA D 91 57.57 0.64 2.86
CA ALA D 91 58.62 1.09 3.78
C ALA D 91 58.55 2.59 4.02
N GLU D 92 58.18 3.37 3.00
CA GLU D 92 58.12 4.81 3.13
C GLU D 92 56.87 5.30 3.83
N ASP D 93 55.92 4.42 4.15
CA ASP D 93 54.69 4.82 4.81
C ASP D 93 54.89 5.23 6.26
N THR D 94 56.07 5.01 6.83
CA THR D 94 56.31 5.42 8.21
C THR D 94 56.31 6.94 8.32
N ALA D 95 55.47 7.46 9.20
CA ALA D 95 55.31 8.90 9.40
C ALA D 95 54.42 9.11 10.62
N VAL D 96 54.26 10.36 11.00
CA VAL D 96 53.35 10.76 12.07
C VAL D 96 52.07 11.25 11.42
N TYR D 97 50.95 10.62 11.74
CA TYR D 97 49.67 10.94 11.13
C TYR D 97 48.90 11.90 12.03
N TYR D 98 48.45 13.00 11.46
CA TYR D 98 47.68 14.01 12.18
C TYR D 98 46.24 14.02 11.68
N CYS D 99 45.31 14.22 12.62
CA CYS D 99 43.89 14.31 12.32
C CYS D 99 43.46 15.76 12.37
N ALA D 100 42.85 16.23 11.28
CA ALA D 100 42.43 17.62 11.17
C ALA D 100 41.00 17.68 10.65
N ARG D 101 40.30 18.75 11.03
CA ARG D 101 38.91 18.97 10.65
C ARG D 101 38.80 20.20 9.76
N GLY D 102 38.02 20.09 8.69
CA GLY D 102 37.80 21.19 7.78
C GLY D 102 36.33 21.28 7.39
N TYR D 103 36.05 22.22 6.48
CA TYR D 103 34.71 22.38 5.97
C TYR D 103 34.23 21.09 5.31
N GLN D 104 32.95 20.77 5.52
CA GLN D 104 32.39 19.57 4.90
C GLN D 104 32.40 19.71 3.38
N TYR D 105 31.89 20.83 2.88
CA TYR D 105 31.90 21.12 1.44
C TYR D 105 33.13 21.95 1.07
N TRP D 106 34.30 21.46 1.50
CA TRP D 106 35.52 22.23 1.28
C TRP D 106 35.89 22.26 -0.20
N GLN D 107 35.69 21.14 -0.91
CA GLN D 107 35.97 21.09 -2.34
C GLN D 107 35.04 22.03 -3.11
N TYR D 108 33.76 22.03 -2.75
CA TYR D 108 32.82 22.95 -3.40
C TYR D 108 33.17 24.40 -3.10
N HIS D 109 33.56 24.69 -1.86
CA HIS D 109 33.97 26.04 -1.51
C HIS D 109 35.35 26.39 -2.06
N ALA D 110 36.12 25.40 -2.49
CA ALA D 110 37.45 25.65 -3.03
C ALA D 110 37.36 26.47 -4.31
N SER D 111 38.16 27.52 -4.38
CA SER D 111 38.15 28.45 -5.51
C SER D 111 39.41 29.30 -5.45
N TRP D 112 39.48 30.32 -6.30
CA TRP D 112 40.67 31.16 -6.39
C TRP D 112 40.74 32.21 -5.30
N TYR D 113 39.66 32.45 -4.55
CA TYR D 113 39.66 33.49 -3.53
C TYR D 113 39.34 32.98 -2.13
N TRP D 114 39.06 31.68 -1.97
CA TRP D 114 38.71 31.14 -0.66
C TRP D 114 39.50 29.88 -0.39
N ASN D 115 40.06 29.81 0.82
CA ASN D 115 40.73 28.59 1.30
C ASN D 115 40.55 28.55 2.81
N GLY D 116 39.56 27.77 3.27
CA GLY D 116 39.25 27.74 4.67
C GLY D 116 40.37 27.20 5.53
N GLY D 117 41.08 26.19 5.02
CA GLY D 117 42.15 25.59 5.78
C GLY D 117 41.64 24.58 6.78
N LEU D 118 42.57 24.10 7.61
CA LEU D 118 42.27 23.09 8.63
C LEU D 118 42.49 23.74 9.99
N ASP D 119 41.40 24.12 10.65
CA ASP D 119 41.49 24.94 11.86
C ASP D 119 42.07 24.16 13.03
N TYR D 120 41.57 22.95 13.27
CA TYR D 120 41.91 22.19 14.47
C TYR D 120 42.63 20.92 14.09
N TRP D 121 43.75 20.65 14.76
CA TRP D 121 44.55 19.46 14.53
C TRP D 121 44.72 18.71 15.84
N GLY D 122 44.97 17.41 15.74
CA GLY D 122 45.20 16.60 16.91
C GLY D 122 46.61 16.72 17.43
N GLN D 123 47.17 15.62 17.95
CA GLN D 123 48.53 15.61 18.45
C GLN D 123 49.48 14.75 17.60
N GLY D 124 48.96 13.96 16.68
CA GLY D 124 49.79 13.13 15.83
C GLY D 124 49.89 11.69 16.33
N THR D 125 49.94 10.75 15.40
CA THR D 125 50.05 9.33 15.72
C THR D 125 51.25 8.75 14.99
N LEU D 126 52.15 8.11 15.74
CA LEU D 126 53.37 7.56 15.17
C LEU D 126 53.12 6.17 14.61
N VAL D 127 53.36 5.98 13.33
CA VAL D 127 53.28 4.69 12.67
C VAL D 127 54.65 4.36 12.11
N THR D 128 55.21 3.23 12.53
CA THR D 128 56.54 2.81 12.12
C THR D 128 56.45 1.52 11.31
N VAL D 129 57.30 1.42 10.29
CA VAL D 129 57.32 0.24 9.43
C VAL D 129 58.75 -0.07 9.00
N THR E 6 55.99 25.07 -4.28
CA THR E 6 57.32 25.67 -4.38
C THR E 6 57.41 26.93 -3.53
N GLN E 7 58.45 27.02 -2.70
CA GLN E 7 58.64 28.18 -1.84
C GLN E 7 59.99 28.84 -2.09
N SER E 10 64.01 28.38 1.17
CA SER E 10 64.24 27.14 1.90
C SER E 10 64.70 27.42 3.33
N SER E 11 65.79 28.17 3.46
CA SER E 11 66.34 28.54 4.75
C SER E 11 66.53 30.04 4.82
N LEU E 12 66.18 30.62 5.96
CA LEU E 12 66.28 32.05 6.18
C LEU E 12 66.96 32.32 7.52
N SER E 13 67.88 33.28 7.52
CA SER E 13 68.58 33.69 8.73
C SER E 13 68.26 35.16 8.99
N ALA E 14 67.72 35.45 10.17
CA ALA E 14 67.36 36.81 10.53
C ALA E 14 67.35 36.94 12.04
N SER E 15 67.54 38.17 12.52
CA SER E 15 67.54 38.46 13.94
C SER E 15 66.14 38.87 14.41
N VAL E 16 65.99 38.98 15.73
CA VAL E 16 64.71 39.39 16.30
C VAL E 16 64.43 40.84 15.93
N GLY E 17 63.23 41.10 15.44
CA GLY E 17 62.84 42.42 15.01
C GLY E 17 63.06 42.71 13.54
N ASP E 18 63.34 41.69 12.73
CA ASP E 18 63.58 41.86 11.30
C ASP E 18 62.34 41.42 10.52
N ARG E 19 61.97 42.22 9.53
CA ARG E 19 60.81 41.93 8.70
C ARG E 19 61.02 40.66 7.87
N THR E 21 59.42 37.89 5.19
CA THR E 21 59.11 37.97 3.77
C THR E 21 59.42 36.65 3.07
N ILE E 22 58.47 35.73 3.09
CA ILE E 22 58.61 34.41 2.49
C ILE E 22 57.57 34.26 1.39
N THR E 23 58.00 33.79 0.23
CA THR E 23 57.14 33.65 -0.94
C THR E 23 57.01 32.17 -1.28
N CYS E 24 55.77 31.74 -1.51
CA CYS E 24 55.46 30.36 -1.90
C CYS E 24 54.80 30.43 -3.28
N ARG E 25 55.63 30.34 -4.33
CA ARG E 25 55.12 30.43 -5.69
C ARG E 25 54.29 29.21 -6.05
N ALA E 26 53.21 29.43 -6.80
CA ALA E 26 52.34 28.35 -7.22
C ALA E 26 53.03 27.44 -8.22
N SER E 31 45.19 28.60 -10.04
CA SER E 31 45.72 29.51 -9.02
C SER E 31 44.70 29.74 -7.92
N SER E 32 44.43 28.71 -7.12
CA SER E 32 43.47 28.82 -6.04
C SER E 32 44.07 29.58 -4.86
N ALA E 33 43.22 29.91 -3.90
CA ALA E 33 43.67 30.59 -2.69
C ALA E 33 44.55 29.67 -1.87
N VAL E 34 45.32 30.28 -0.96
CA VAL E 34 46.32 29.55 -0.19
C VAL E 34 46.13 29.82 1.29
N ALA E 35 46.69 28.94 2.10
CA ALA E 35 46.69 29.08 3.55
C ALA E 35 48.08 28.77 4.08
N TRP E 36 48.46 29.47 5.16
CA TRP E 36 49.78 29.32 5.76
C TRP E 36 49.65 28.56 7.08
N TYR E 37 50.54 27.60 7.29
CA TYR E 37 50.58 26.83 8.52
C TYR E 37 51.94 26.95 9.18
N GLN E 38 51.94 27.06 10.50
CA GLN E 38 53.16 27.11 11.30
C GLN E 38 53.24 25.84 12.15
N GLN E 39 54.44 25.26 12.21
CA GLN E 39 54.66 24.04 12.96
C GLN E 39 56.01 24.13 13.67
N LYS E 40 55.97 24.19 15.00
CA LYS E 40 57.19 24.10 15.78
C LYS E 40 57.74 22.67 15.71
N PRO E 41 59.06 22.51 15.86
CA PRO E 41 59.63 21.16 15.83
C PRO E 41 59.02 20.26 16.90
N GLY E 42 58.52 19.11 16.47
CA GLY E 42 57.85 18.21 17.38
C GLY E 42 56.56 18.76 17.94
N LYS E 43 55.82 19.51 17.13
CA LYS E 43 54.54 20.08 17.55
C LYS E 43 53.55 20.00 16.40
N ALA E 44 52.27 19.98 16.75
CA ALA E 44 51.21 19.90 15.76
C ALA E 44 51.09 21.21 14.98
N PRO E 45 50.71 21.14 13.70
CA PRO E 45 50.54 22.37 12.91
C PRO E 45 49.38 23.21 13.41
N LYS E 46 49.50 24.51 13.20
CA LYS E 46 48.44 25.46 13.53
C LYS E 46 48.19 26.37 12.34
N LEU E 47 46.95 26.82 12.21
CA LEU E 47 46.53 27.66 11.10
C LEU E 47 46.74 29.13 11.45
N LEU E 48 47.36 29.88 10.53
CA LEU E 48 47.60 31.30 10.72
C LEU E 48 46.83 32.15 9.72
N ILE E 49 47.00 31.90 8.43
CA ILE E 49 46.39 32.69 7.38
C ILE E 49 45.46 31.80 6.59
N TYR E 50 44.21 32.23 6.43
CA TYR E 50 43.23 31.52 5.61
C TYR E 50 42.65 32.47 4.58
N SER E 51 42.24 31.91 3.44
CA SER E 51 41.78 32.64 2.27
C SER E 51 42.85 33.57 1.70
N ALA E 52 44.11 33.38 2.10
CA ALA E 52 45.28 34.06 1.57
C ALA E 52 45.34 35.53 1.99
N SER E 53 44.29 36.03 2.64
CA SER E 53 44.26 37.42 3.07
C SER E 53 43.61 37.65 4.42
N SER E 54 43.18 36.60 5.13
CA SER E 54 42.45 36.75 6.37
C SER E 54 43.25 36.14 7.51
N LEU E 55 43.31 36.86 8.63
CA LEU E 55 44.04 36.38 9.80
C LEU E 55 43.14 35.48 10.65
N TYR E 56 43.68 34.35 11.08
CA TYR E 56 42.93 33.43 11.93
C TYR E 56 42.72 34.04 13.30
N SER E 57 41.65 33.61 13.97
CA SER E 57 41.33 34.12 15.29
C SER E 57 42.42 33.72 16.29
N GLY E 58 42.77 34.65 17.17
CA GLY E 58 43.80 34.40 18.16
C GLY E 58 45.21 34.47 17.63
N VAL E 59 45.42 35.03 16.45
CA VAL E 59 46.74 35.11 15.84
C VAL E 59 47.24 36.55 15.92
N PRO E 60 48.50 36.79 16.29
CA PRO E 60 49.02 38.15 16.31
C PRO E 60 49.01 38.78 14.93
N SER E 61 48.87 40.11 14.91
CA SER E 61 48.73 40.86 13.67
C SER E 61 50.02 40.95 12.87
N ARG E 62 51.14 40.44 13.40
CA ARG E 62 52.41 40.52 12.68
C ARG E 62 52.33 39.77 11.35
N PHE E 63 51.72 38.60 11.33
CA PHE E 63 51.58 37.83 10.11
C PHE E 63 50.52 38.45 9.21
N SER E 64 50.85 38.62 7.93
CA SER E 64 49.90 39.15 6.95
C SER E 64 50.22 38.55 5.59
N GLY E 65 49.19 38.18 4.86
CA GLY E 65 49.34 37.55 3.56
C GLY E 65 48.80 38.44 2.46
N SER E 66 49.48 38.44 1.32
CA SER E 66 49.10 39.24 0.16
C SER E 66 49.08 38.37 -1.08
N ARG E 67 48.23 38.71 -2.03
CA ARG E 67 48.11 37.97 -3.28
C ARG E 67 49.34 38.19 -4.16
N GLY E 69 50.54 39.21 -7.35
CA GLY E 69 49.73 38.71 -8.45
C GLY E 69 49.47 37.22 -8.36
N THR E 70 50.44 36.42 -8.80
CA THR E 70 50.33 34.97 -8.77
C THR E 70 51.21 34.33 -7.73
N ASP E 71 52.08 35.08 -7.04
CA ASP E 71 52.96 34.56 -6.02
C ASP E 71 52.52 35.10 -4.67
N PHE E 72 51.83 34.27 -3.89
CA PHE E 72 51.39 34.67 -2.56
C PHE E 72 52.59 34.70 -1.60
N THR E 73 52.56 35.65 -0.68
CA THR E 73 53.65 35.83 0.27
C THR E 73 53.12 36.21 1.63
N LEU E 74 53.81 35.78 2.67
CA LEU E 74 53.51 36.16 4.04
C LEU E 74 54.58 37.11 4.56
N THR E 75 54.15 38.15 5.26
CA THR E 75 55.05 39.13 5.83
C THR E 75 54.84 39.21 7.34
N ILE E 76 55.95 39.22 8.08
CA ILE E 76 55.92 39.37 9.54
C ILE E 76 56.47 40.75 9.86
N SER E 77 55.68 41.54 10.61
CA SER E 77 56.09 42.90 10.93
C SER E 77 57.34 42.93 11.79
N SER E 78 57.38 42.11 12.83
CA SER E 78 58.53 42.05 13.74
C SER E 78 58.70 40.64 14.24
N LEU E 79 59.91 40.09 14.08
CA LEU E 79 60.19 38.74 14.53
C LEU E 79 60.24 38.70 16.06
N GLN E 80 59.86 37.55 16.61
CA GLN E 80 59.84 37.32 18.04
C GLN E 80 60.57 36.03 18.36
N PRO E 81 61.12 35.90 19.57
CA PRO E 81 61.81 34.64 19.92
C PRO E 81 60.94 33.41 19.79
N GLU E 82 59.64 33.52 20.06
CA GLU E 82 58.74 32.40 19.86
C GLU E 82 58.45 32.14 18.38
N ASP E 83 58.59 33.15 17.53
CA ASP E 83 58.34 33.02 16.10
C ASP E 83 59.59 32.50 15.40
N PHE E 84 59.86 31.21 15.62
CA PHE E 84 61.01 30.55 14.99
C PHE E 84 60.62 29.09 14.76
N ALA E 85 60.15 28.79 13.55
CA ALA E 85 59.70 27.46 13.19
C ALA E 85 59.61 27.39 11.66
N THR E 86 59.01 26.32 11.16
CA THR E 86 58.85 26.10 9.73
C THR E 86 57.46 26.57 9.30
N TYR E 87 57.39 27.31 8.21
CA TYR E 87 56.14 27.84 7.68
C TYR E 87 55.77 27.07 6.42
N TYR E 88 54.54 26.56 6.38
CA TYR E 88 54.06 25.75 5.26
C TYR E 88 52.91 26.45 4.57
N CYS E 89 52.92 26.40 3.23
CA CYS E 89 51.87 26.98 2.41
C CYS E 89 51.00 25.86 1.85
N GLN E 90 49.69 25.99 2.01
CA GLN E 90 48.72 25.01 1.55
C GLN E 90 47.89 25.62 0.44
N GLN E 91 47.86 24.96 -0.72
CA GLN E 91 47.17 25.45 -1.90
C GLN E 91 46.12 24.44 -2.33
N SER E 92 44.97 24.94 -2.78
CA SER E 92 43.87 24.08 -3.19
C SER E 92 43.87 23.85 -4.69
N SER E 93 43.10 22.85 -5.11
CA SER E 93 42.96 22.49 -6.51
C SER E 93 41.54 21.95 -6.72
N SER E 94 41.32 21.28 -7.85
CA SER E 94 39.99 20.76 -8.15
C SER E 94 39.57 19.71 -7.12
N SER E 95 40.47 18.77 -6.80
CA SER E 95 40.13 17.70 -5.86
C SER E 95 41.26 17.37 -4.90
N LEU E 96 42.26 18.25 -4.76
CA LEU E 96 43.38 17.97 -3.87
C LEU E 96 43.92 19.28 -3.30
N ILE E 97 44.48 19.19 -2.10
CA ILE E 97 45.24 20.28 -1.50
C ILE E 97 46.66 19.81 -1.24
N THR E 98 47.63 20.65 -1.54
CA THR E 98 49.04 20.29 -1.45
C THR E 98 49.78 21.29 -0.58
N PHE E 99 50.45 20.79 0.45
CA PHE E 99 51.26 21.63 1.31
C PHE E 99 52.58 21.98 0.64
N GLY E 100 53.16 23.09 1.07
CA GLY E 100 54.41 23.55 0.49
C GLY E 100 55.61 22.76 0.99
N GLN E 101 56.75 23.03 0.35
CA GLN E 101 58.00 22.37 0.77
C GLN E 101 58.38 22.77 2.19
N GLY E 102 58.25 24.06 2.51
CA GLY E 102 58.52 24.52 3.86
C GLY E 102 59.82 25.28 3.99
N THR E 103 59.76 26.41 4.68
CA THR E 103 60.94 27.22 4.97
C THR E 103 61.09 27.37 6.48
N LYS E 104 62.32 27.22 6.96
CA LYS E 104 62.64 27.33 8.37
C LYS E 104 63.51 28.56 8.60
N VAL E 105 63.13 29.39 9.58
CA VAL E 105 63.82 30.62 9.89
C VAL E 105 64.66 30.40 11.15
N GLU E 106 65.95 30.72 11.07
CA GLU E 106 66.85 30.56 12.19
C GLU E 106 67.47 31.89 12.60
C01 A1BNM F . -31.88 -0.39 -9.81
C02 A1BNM F . -30.36 -0.38 -9.58
C04 A1BNM F . -28.49 -0.21 -11.33
C05 A1BNM F . -29.03 1.20 -11.59
C06 A1BNM F . -29.59 1.93 -10.68
C07 A1BNM F . -29.80 1.11 -9.40
C08 A1BNM F . -28.27 0.88 -9.05
C09 A1BNM F . -27.52 -0.01 -10.14
C10 A1BNM F . -26.18 0.65 -10.62
C12 A1BNM F . -23.83 0.75 -10.51
C14 A1BNM F . -30.59 1.96 -8.37
C15 A1BNM F . -29.57 3.48 -10.64
C16 A1BNM F . -28.31 4.11 -10.47
C17 A1BNM F . -28.20 5.51 -10.43
C18 A1BNM F . -29.32 6.33 -10.58
C19 A1BNM F . -30.60 5.76 -10.77
C21 A1BNM F . -30.69 4.32 -10.80
C22 A1BNM F . -30.54 -1.74 -11.84
C23 A1BNM F . -29.91 -2.65 -12.83
C24 A1BNM F . -28.68 -3.36 -12.73
C27 A1BNM F . -30.37 -3.03 -14.12
C28 A1BNM F . -27.27 -5.00 -14.21
C29 A1BNM F . -27.65 -6.29 -14.93
N03 A1BNM F . -29.58 -1.16 -10.75
N25 A1BNM F . -28.48 -4.09 -13.90
N26 A1BNM F . -29.54 -3.88 -14.74
O11 A1BNM F . -25.08 0.58 -9.82
O13 A1BNM F . -26.11 1.18 -11.67
O20 A1BNM F . -31.72 6.49 -10.91
C01 A1BNM G . -14.59 -28.90 5.95
C02 A1BNM G . -15.02 -28.75 4.49
C04 A1BNM G . -13.49 -28.86 2.42
C05 A1BNM G . -13.30 -30.32 2.79
C06 A1BNM G . -14.16 -31.03 3.45
C07 A1BNM G . -15.37 -30.17 3.83
C08 A1BNM G . -15.85 -29.79 2.38
C09 A1BNM G . -14.80 -28.89 1.58
C10 A1BNM G . -14.51 -29.44 0.13
C12 A1BNM G . -15.00 -29.55 -2.17
C14 A1BNM G . -16.38 -31.04 4.63
C15 A1BNM G . -14.16 -32.57 3.64
C16 A1BNM G . -14.57 -33.37 2.56
C17 A1BNM G . -14.60 -34.77 2.65
C18 A1BNM G . -14.20 -35.42 3.83
C19 A1BNM G . -13.78 -34.67 4.95
C21 A1BNM G . -13.76 -33.24 4.82
C22 A1BNM G . -12.67 -27.51 4.49
C23 A1BNM G . -11.78 -26.51 3.85
C24 A1BNM G . -12.00 -25.71 2.69
C27 A1BNM G . -10.47 -26.11 4.22
C28 A1BNM G . -10.72 -23.91 1.29
C29 A1BNM G . -10.26 -22.52 1.77
N03 A1BNM G . -13.90 -27.97 3.63
N25 A1BNM G . -10.89 -24.92 2.44
N26 A1BNM G . -9.94 -25.18 3.40
O11 A1BNM G . -15.46 -29.31 -0.83
O13 A1BNM G . -13.47 -29.94 -0.11
O20 A1BNM G . -13.38 -35.25 6.10
#